data_1R1H
#
_entry.id   1R1H
#
_cell.length_a   107.791
_cell.length_b   107.791
_cell.length_c   113.090
_cell.angle_alpha   90.00
_cell.angle_beta   90.00
_cell.angle_gamma   120.00
#
_symmetry.space_group_name_H-M   'P 32 2 1'
#
loop_
_entity.id
_entity.type
_entity.pdbx_description
1 polymer Neprilysin
2 non-polymer 2-acetamido-2-deoxy-beta-D-glucopyranose
3 non-polymer 'ZINC ION'
4 non-polymer "N-[3-[(1-AMINOETHYL)(HYDROXY)PHOSPHORYL]-2-(1,1'-BIPHENYL-4-YLMETHYL)PROPANOYL]ALANINE"
5 water water
#
_entity_poly.entity_id   1
_entity_poly.type   'polypeptide(L)'
_entity_poly.pdbx_seq_one_letter_code
;GICKSSDCIKSAARLIQNMDATTEPCTDFFKYACGGWLKRNVIPETSSRYGNFDILRDELEVVLKDVLQEPKTEDIVAVQ
KAKALYRSCINESAIDSRGGEPLLKLLPDIYGWPVATENWEQKYGASWTAEKAIAQLNSKYGKKVLINLFVGTDDKNSVN
HVIHIDQPRLGLPSRDYYECTGIYKEACTAYVDFMISVARLIRQEERLPIDENQLALEMNKVMELEKEIANATAKPEDRN
DPMLLYNKMTLAQIQNNFSLEINGKPFSWLNFTNEIMSTVNISITNEEDVVVYAPEYLTKLKPILTKYSARDLQNLMSWR
FIMDLVSSLSRTYKESRNAFRKALYGTTSETATWRRCANYVNGNMENAVGRLYVEAAFAGESKHVVEDLIAQIREVFIQT
LDDLTWMDAETKKRAEEKALAIKERIGYPDDIVSNDNKLNNEYLELNYKEDEYFENIIQNLKFSQSKQLKKLREKVDKDE
WISGAAVVNAFYSSGRNQIVFPAGILQPPFFSAQQSNSLNYGGIGMVIGHEITHGFDDNGRNFNKDGDLVDWWTQQSASN
FKEQSQCMVYQYGNFSWDLAGGQHLNGINTLGENIADNGGLGQAYRAYQNYIKKNGEEKLLPGLDLNHKQLFFLNFAQVW
CGTYRPEYAVNSIKTDVHSPGNFRIIGTLQNSAEFSEAFHCRKNSYMNPEKKCRVW
;
_entity_poly.pdbx_strand_id   A
#
loop_
_chem_comp.id
_chem_comp.type
_chem_comp.name
_chem_comp.formula
BIR non-polymer N-[3-[(1-AMINOETHYL)(HYDROXY)PHOSPHORYL]-2-(1,1'-BIPHENYL-4-YLMETHYL)PROPANOYL]ALANINE 'C21 H27 N2 O5 P'
NAG D-saccharide, beta linking 2-acetamido-2-deoxy-beta-D-glucopyranose 'C8 H15 N O6'
ZN non-polymer 'ZINC ION' 'Zn 2'
#
# COMPACT_ATOMS: atom_id res chain seq x y z
N GLY A 1 -12.49 -29.32 -31.66
CA GLY A 1 -12.52 -27.86 -31.38
C GLY A 1 -11.55 -27.48 -30.26
N ILE A 2 -10.38 -28.14 -30.27
CA ILE A 2 -9.22 -27.68 -29.50
C ILE A 2 -8.40 -26.59 -30.20
N CYS A 3 -8.24 -25.45 -29.53
CA CYS A 3 -7.25 -24.44 -29.88
C CYS A 3 -5.81 -24.96 -29.77
N LYS A 4 -5.05 -24.82 -30.86
CA LYS A 4 -3.69 -25.36 -30.92
C LYS A 4 -2.64 -24.27 -31.16
N SER A 5 -3.00 -23.02 -30.92
CA SER A 5 -2.07 -21.90 -31.12
C SER A 5 -0.97 -21.91 -30.06
N SER A 6 0.16 -21.26 -30.34
CA SER A 6 1.24 -21.18 -29.37
C SER A 6 0.77 -20.48 -28.11
N ASP A 7 -0.09 -19.48 -28.27
CA ASP A 7 -0.56 -18.76 -27.10
C ASP A 7 -1.47 -19.65 -26.27
N CYS A 8 -2.22 -20.53 -26.94
CA CYS A 8 -3.04 -21.49 -26.22
C CYS A 8 -2.18 -22.52 -25.52
N ILE A 9 -1.08 -22.91 -26.16
CA ILE A 9 -0.14 -23.86 -25.60
C ILE A 9 0.53 -23.28 -24.36
N LYS A 10 0.78 -21.97 -24.36
CA LYS A 10 1.43 -21.32 -23.21
C LYS A 10 0.48 -21.25 -22.03
N SER A 11 -0.76 -20.81 -22.29
CA SER A 11 -1.76 -20.71 -21.23
C SER A 11 -1.94 -22.08 -20.64
N ALA A 12 -2.21 -23.07 -21.50
CA ALA A 12 -2.60 -24.40 -21.01
C ALA A 12 -1.49 -24.95 -20.14
N ALA A 13 -0.25 -24.86 -20.61
CA ALA A 13 0.89 -25.39 -19.89
C ALA A 13 0.97 -24.82 -18.48
N ARG A 14 0.74 -23.52 -18.36
CA ARG A 14 0.82 -22.82 -17.07
C ARG A 14 -0.28 -23.29 -16.13
N LEU A 15 -1.48 -23.45 -16.66
CA LEU A 15 -2.61 -23.88 -15.85
C LEU A 15 -2.37 -25.30 -15.37
N ILE A 16 -1.88 -26.14 -16.27
CA ILE A 16 -1.64 -27.54 -15.94
C ILE A 16 -0.64 -27.64 -14.78
N GLN A 17 0.49 -26.94 -14.92
CA GLN A 17 1.62 -27.16 -14.03
C GLN A 17 1.33 -26.65 -12.60
N ASN A 18 0.45 -25.66 -12.48
CA ASN A 18 0.09 -25.11 -11.17
C ASN A 18 -0.89 -25.97 -10.36
N MET A 19 -1.79 -26.65 -11.07
CA MET A 19 -2.96 -27.25 -10.45
C MET A 19 -2.59 -28.61 -9.87
N ASP A 20 -3.40 -29.11 -8.95
CA ASP A 20 -3.33 -30.52 -8.59
C ASP A 20 -4.65 -31.22 -8.78
N ALA A 21 -4.78 -31.91 -9.91
CA ALA A 21 -6.02 -32.58 -10.25
C ALA A 21 -6.34 -33.75 -9.30
N THR A 22 -5.41 -34.10 -8.41
CA THR A 22 -5.67 -35.19 -7.46
C THR A 22 -6.62 -34.72 -6.36
N THR A 23 -6.79 -33.41 -6.24
CA THR A 23 -7.69 -32.83 -5.25
C THR A 23 -9.04 -32.53 -5.87
N GLU A 24 -10.10 -32.81 -5.13
CA GLU A 24 -11.46 -32.45 -5.55
C GLU A 24 -11.67 -30.94 -5.50
N PRO A 25 -12.04 -30.36 -6.63
CA PRO A 25 -12.30 -28.92 -6.69
C PRO A 25 -13.25 -28.44 -5.59
N CYS A 26 -14.15 -29.31 -5.17
CA CYS A 26 -15.27 -28.90 -4.32
C CYS A 26 -14.88 -29.08 -2.85
N THR A 27 -13.78 -29.78 -2.62
CA THR A 27 -13.21 -29.92 -1.28
C THR A 27 -12.31 -28.73 -0.91
N ASP A 28 -11.50 -28.30 -1.87
CA ASP A 28 -10.60 -27.17 -1.64
C ASP A 28 -10.09 -26.68 -2.98
N PHE A 29 -10.74 -25.66 -3.52
CA PHE A 29 -10.40 -25.22 -4.86
C PHE A 29 -9.03 -24.56 -4.92
N PHE A 30 -8.56 -24.01 -3.81
CA PHE A 30 -7.22 -23.44 -3.80
C PHE A 30 -6.16 -24.52 -4.02
N LYS A 31 -6.30 -25.65 -3.35
CA LYS A 31 -5.37 -26.75 -3.49
C LYS A 31 -5.46 -27.38 -4.87
N TYR A 32 -6.69 -27.56 -5.36
CA TYR A 32 -6.90 -27.99 -6.74
C TYR A 32 -6.20 -27.07 -7.75
N ALA A 33 -6.39 -25.77 -7.59
CA ALA A 33 -5.88 -24.79 -8.55
C ALA A 33 -4.36 -24.62 -8.46
N CYS A 34 -3.81 -24.86 -7.28
CA CYS A 34 -2.50 -24.31 -6.90
C CYS A 34 -1.57 -25.37 -6.29
N GLY A 35 -2.07 -26.58 -6.11
CA GLY A 35 -1.33 -27.57 -5.36
C GLY A 35 -0.05 -27.99 -6.07
N GLY A 36 -0.04 -27.89 -7.40
CA GLY A 36 1.15 -28.16 -8.18
C GLY A 36 2.23 -27.15 -7.85
N TRP A 37 1.85 -25.87 -7.91
CA TRP A 37 2.76 -24.79 -7.61
C TRP A 37 3.32 -24.96 -6.20
N LEU A 38 2.44 -25.21 -5.26
CA LEU A 38 2.82 -25.29 -3.86
C LEU A 38 3.96 -26.30 -3.69
N LYS A 39 3.82 -27.46 -4.31
CA LYS A 39 4.76 -28.57 -4.11
C LYS A 39 6.11 -28.26 -4.76
N ARG A 40 6.10 -27.51 -5.85
CA ARG A 40 7.30 -27.30 -6.62
C ARG A 40 8.11 -26.11 -6.10
N ASN A 41 7.46 -25.19 -5.41
CA ASN A 41 8.11 -23.94 -5.03
C ASN A 41 8.39 -23.85 -3.53
N VAL A 42 9.57 -23.32 -3.22
CA VAL A 42 9.93 -22.94 -1.86
C VAL A 42 10.19 -21.44 -1.82
N ILE A 43 9.64 -20.77 -0.80
CA ILE A 43 9.77 -19.33 -0.66
C ILE A 43 11.23 -18.92 -0.56
N PRO A 44 11.68 -18.07 -1.49
CA PRO A 44 13.07 -17.60 -1.45
C PRO A 44 13.43 -16.97 -0.11
N GLU A 45 14.70 -17.03 0.26
CA GLU A 45 15.18 -16.43 1.50
C GLU A 45 14.98 -14.90 1.54
N THR A 46 14.88 -14.28 0.37
CA THR A 46 14.68 -12.84 0.30
C THR A 46 13.21 -12.44 0.17
N SER A 47 12.29 -13.41 0.21
CA SER A 47 10.86 -13.14 0.04
C SER A 47 10.08 -13.38 1.34
N SER A 48 9.13 -12.50 1.66
CA SER A 48 8.23 -12.71 2.79
C SER A 48 6.93 -13.35 2.32
N ARG A 49 6.59 -13.14 1.06
CA ARG A 49 5.46 -13.79 0.42
C ARG A 49 5.92 -14.11 -0.98
N TYR A 50 5.49 -15.24 -1.51
CA TYR A 50 5.93 -15.66 -2.83
C TYR A 50 4.80 -16.41 -3.49
N GLY A 51 4.68 -16.26 -4.80
CA GLY A 51 3.49 -16.69 -5.52
C GLY A 51 3.47 -16.12 -6.92
N ASN A 52 2.50 -16.54 -7.74
CA ASN A 52 2.46 -16.13 -9.13
C ASN A 52 2.47 -14.61 -9.21
N PHE A 53 1.77 -13.96 -8.30
CA PHE A 53 1.61 -12.52 -8.32
C PHE A 53 2.95 -11.83 -8.02
N ASP A 54 3.64 -12.31 -6.99
CA ASP A 54 4.93 -11.76 -6.63
C ASP A 54 5.99 -12.04 -7.70
N ILE A 55 5.84 -13.16 -8.39
CA ILE A 55 6.71 -13.47 -9.52
C ILE A 55 6.57 -12.42 -10.62
N LEU A 56 5.35 -11.98 -10.90
CA LEU A 56 5.17 -10.89 -11.88
C LEU A 56 5.94 -9.64 -11.48
N ARG A 57 5.91 -9.33 -10.19
CA ARG A 57 6.67 -8.19 -9.68
C ARG A 57 8.17 -8.41 -9.88
N ASP A 58 8.65 -9.59 -9.53
CA ASP A 58 10.05 -9.93 -9.76
C ASP A 58 10.42 -9.74 -11.24
N GLU A 59 9.54 -10.17 -12.12
CA GLU A 59 9.81 -10.15 -13.55
C GLU A 59 9.80 -8.72 -14.11
N LEU A 60 8.99 -7.85 -13.51
CA LEU A 60 8.96 -6.45 -13.89
C LEU A 60 10.27 -5.78 -13.53
N GLU A 61 10.83 -6.12 -12.37
CA GLU A 61 12.11 -5.57 -11.95
C GLU A 61 13.20 -5.90 -12.99
N VAL A 62 13.10 -7.07 -13.60
CA VAL A 62 14.09 -7.48 -14.60
C VAL A 62 14.05 -6.52 -15.80
N VAL A 63 12.84 -6.10 -16.18
CA VAL A 63 12.68 -5.09 -17.22
C VAL A 63 13.29 -3.75 -16.82
N LEU A 64 13.00 -3.31 -15.60
CA LEU A 64 13.54 -2.06 -15.10
C LEU A 64 15.06 -2.05 -15.16
N LYS A 65 15.69 -3.15 -14.73
CA LYS A 65 17.15 -3.28 -14.82
C LYS A 65 17.61 -3.05 -16.27
N ASP A 66 16.96 -3.71 -17.22
CA ASP A 66 17.34 -3.63 -18.62
C ASP A 66 17.27 -2.17 -19.11
N VAL A 67 16.23 -1.44 -18.71
CA VAL A 67 16.01 -0.11 -19.28
C VAL A 67 16.75 0.96 -18.49
N LEU A 68 17.21 0.65 -17.28
CA LEU A 68 17.95 1.64 -16.50
C LEU A 68 19.47 1.53 -16.61
N GLN A 69 19.98 0.35 -16.91
CA GLN A 69 21.39 0.06 -16.63
C GLN A 69 22.34 0.53 -17.73
N GLU A 70 21.79 0.93 -18.88
CA GLU A 70 22.65 1.34 -20.00
C GLU A 70 22.29 2.75 -20.47
N PRO A 71 23.23 3.67 -20.35
CA PRO A 71 23.12 4.98 -20.99
C PRO A 71 22.87 4.85 -22.49
N LYS A 72 22.00 5.70 -23.02
CA LYS A 72 21.81 5.82 -24.47
C LYS A 72 21.91 7.28 -24.87
N THR A 73 22.47 7.55 -26.05
CA THR A 73 22.96 8.88 -26.36
C THR A 73 21.79 9.86 -26.49
N GLU A 74 20.63 9.35 -26.88
CA GLU A 74 19.47 10.21 -27.15
C GLU A 74 18.63 10.48 -25.91
N ASP A 75 19.04 9.91 -24.77
CA ASP A 75 18.29 10.05 -23.52
C ASP A 75 18.05 11.52 -23.18
N ILE A 76 16.80 11.90 -23.08
CA ILE A 76 16.43 13.19 -22.50
C ILE A 76 16.77 13.22 -21.02
N VAL A 77 16.80 14.42 -20.45
CA VAL A 77 17.40 14.64 -19.14
C VAL A 77 16.65 13.85 -18.07
N ALA A 78 15.34 13.76 -18.20
CA ALA A 78 14.54 13.01 -17.24
C ALA A 78 15.04 11.56 -17.15
N VAL A 79 15.38 10.98 -18.29
CA VAL A 79 15.83 9.60 -18.30
C VAL A 79 17.27 9.51 -17.80
N GLN A 80 18.12 10.44 -18.23
CA GLN A 80 19.49 10.52 -17.71
C GLN A 80 19.48 10.62 -16.21
N LYS A 81 18.49 11.32 -15.66
CA LYS A 81 18.46 11.57 -14.23
C LYS A 81 18.07 10.31 -13.47
N ALA A 82 17.23 9.48 -14.09
CA ALA A 82 16.80 8.24 -13.45
C ALA A 82 17.92 7.21 -13.54
N LYS A 83 18.60 7.16 -14.69
CA LYS A 83 19.75 6.27 -14.83
C LYS A 83 20.92 6.62 -13.89
N ALA A 84 21.15 7.91 -13.70
CA ALA A 84 22.18 8.32 -12.75
C ALA A 84 21.76 7.95 -11.32
N LEU A 85 20.49 8.06 -11.04
CA LEU A 85 20.00 7.76 -9.71
C LEU A 85 20.21 6.26 -9.47
N TYR A 86 19.78 5.47 -10.44
CA TYR A 86 20.08 4.03 -10.46
C TYR A 86 21.55 3.72 -10.20
N ARG A 87 22.43 4.36 -10.96
CA ARG A 87 23.84 4.07 -10.88
C ARG A 87 24.39 4.38 -9.50
N SER A 88 23.91 5.44 -8.87
CA SER A 88 24.42 5.87 -7.57
C SER A 88 23.99 4.88 -6.50
N CYS A 89 22.86 4.24 -6.76
CA CYS A 89 22.27 3.32 -5.80
C CYS A 89 22.95 1.95 -5.83
N ILE A 90 23.40 1.53 -7.01
CA ILE A 90 23.99 0.21 -7.12
C ILE A 90 25.51 0.25 -6.88
N ASN A 91 26.08 1.44 -6.71
CA ASN A 91 27.51 1.51 -6.42
C ASN A 91 27.80 1.30 -4.92
N GLU A 92 27.90 0.04 -4.51
CA GLU A 92 28.03 -0.30 -3.09
C GLU A 92 29.41 0.08 -2.57
N SER A 93 30.40 0.12 -3.45
CA SER A 93 31.74 0.49 -3.06
C SER A 93 31.78 1.93 -2.59
N ALA A 94 31.19 2.81 -3.39
CA ALA A 94 31.08 4.22 -3.03
C ALA A 94 30.32 4.41 -1.70
N ILE A 95 29.25 3.64 -1.50
CA ILE A 95 28.48 3.75 -0.28
C ILE A 95 29.26 3.21 0.92
N ASP A 96 29.85 2.03 0.80
CA ASP A 96 30.58 1.44 1.92
C ASP A 96 31.72 2.37 2.35
N SER A 97 32.31 3.07 1.37
CA SER A 97 33.44 3.93 1.64
C SER A 97 33.06 5.11 2.55
N ARG A 98 31.78 5.45 2.59
CA ARG A 98 31.37 6.64 3.35
C ARG A 98 30.99 6.30 4.80
N GLY A 99 30.98 5.02 5.14
CA GLY A 99 30.54 4.60 6.46
C GLY A 99 29.17 5.17 6.81
N GLY A 100 29.06 5.80 7.98
CA GLY A 100 27.83 6.46 8.39
C GLY A 100 27.90 7.97 8.28
N GLU A 101 28.99 8.46 7.71
CA GLU A 101 29.27 9.89 7.69
C GLU A 101 28.08 10.69 7.17
N PRO A 102 27.44 10.22 6.12
CA PRO A 102 26.31 10.96 5.56
C PRO A 102 25.15 11.05 6.55
N LEU A 103 25.03 10.07 7.44
CA LEU A 103 24.07 10.18 8.55
C LEU A 103 24.52 11.18 9.61
N LEU A 104 25.80 11.11 9.97
CA LEU A 104 26.30 11.95 11.05
C LEU A 104 26.15 13.42 10.67
N LYS A 105 26.34 13.75 9.40
CA LYS A 105 26.22 15.13 8.95
C LYS A 105 24.78 15.61 8.99
N LEU A 106 23.85 14.65 8.98
CA LEU A 106 22.44 14.97 8.97
C LEU A 106 21.99 15.25 10.39
N LEU A 107 22.56 14.52 11.34
CA LEU A 107 21.99 14.42 12.67
C LEU A 107 21.75 15.80 13.30
N PRO A 108 22.74 16.67 13.20
CA PRO A 108 22.60 18.02 13.76
C PRO A 108 21.38 18.75 13.20
N ASP A 109 20.90 18.32 12.03
CA ASP A 109 19.82 19.06 11.38
C ASP A 109 18.43 18.64 11.85
N ILE A 110 18.35 17.62 12.69
CA ILE A 110 17.07 17.20 13.24
C ILE A 110 17.07 17.29 14.76
N TYR A 111 17.97 18.10 15.30
CA TYR A 111 18.08 18.32 16.75
C TYR A 111 18.72 17.13 17.44
N GLY A 112 19.40 16.28 16.67
CA GLY A 112 20.31 15.32 17.23
C GLY A 112 19.61 14.02 17.55
N TRP A 113 20.40 13.00 17.88
CA TRP A 113 19.89 11.81 18.57
C TRP A 113 20.56 11.67 19.94
N PRO A 114 19.86 12.09 20.99
CA PRO A 114 20.47 12.23 22.32
C PRO A 114 21.32 11.03 22.74
N VAL A 115 20.73 9.84 22.73
CA VAL A 115 21.47 8.61 23.00
C VAL A 115 22.86 8.68 22.39
N ALA A 116 22.95 9.18 21.17
CA ALA A 116 24.21 9.05 20.47
C ALA A 116 24.94 10.38 20.43
N THR A 117 24.70 11.23 21.43
CA THR A 117 25.54 12.41 21.59
C THR A 117 26.04 12.58 23.02
N GLU A 118 27.04 13.45 23.17
CA GLU A 118 27.36 14.03 24.46
C GLU A 118 26.59 15.33 24.71
N ASN A 119 26.27 15.58 25.96
CA ASN A 119 25.81 16.89 26.38
C ASN A 119 24.68 17.40 25.49
N TRP A 120 23.77 16.51 25.13
CA TRP A 120 22.69 16.84 24.21
C TRP A 120 21.86 17.98 24.77
N GLU A 121 21.69 18.00 26.08
CA GLU A 121 20.85 19.00 26.70
C GLU A 121 21.46 20.37 26.47
N GLN A 122 22.78 20.45 26.52
CA GLN A 122 23.48 21.72 26.34
C GLN A 122 23.40 22.18 24.87
N LYS A 123 23.69 21.27 23.95
CA LYS A 123 23.75 21.64 22.54
C LYS A 123 22.36 22.00 22.02
N TYR A 124 21.39 21.15 22.33
CA TYR A 124 20.18 21.05 21.53
C TYR A 124 18.96 21.33 22.40
N GLY A 125 18.98 20.82 23.63
CA GLY A 125 17.87 20.98 24.54
C GLY A 125 17.50 22.43 24.75
N ALA A 126 18.52 23.30 24.80
CA ALA A 126 18.29 24.73 24.90
C ALA A 126 17.23 25.17 23.91
N SER A 127 17.54 25.02 22.62
CA SER A 127 16.70 25.57 21.55
C SER A 127 15.56 24.63 21.18
N TRP A 128 15.70 23.35 21.54
CA TRP A 128 14.62 22.37 21.40
C TRP A 128 13.26 22.94 21.80
N THR A 129 12.28 22.83 20.92
CA THR A 129 10.92 22.55 21.33
C THR A 129 10.21 21.57 20.41
N ALA A 130 9.14 20.96 20.90
CA ALA A 130 8.48 19.88 20.20
C ALA A 130 7.85 20.42 18.91
N GLU A 131 7.35 21.64 18.97
CA GLU A 131 6.89 22.32 17.78
C GLU A 131 8.00 22.28 16.73
N LYS A 132 9.21 22.68 17.11
CA LYS A 132 10.30 22.88 16.15
C LYS A 132 10.80 21.53 15.65
N ALA A 133 11.01 20.61 16.60
CA ALA A 133 11.63 19.33 16.27
C ALA A 133 10.70 18.47 15.40
N ILE A 134 9.44 18.30 15.82
CA ILE A 134 8.47 17.54 15.03
C ILE A 134 8.33 18.13 13.64
N ALA A 135 8.27 19.46 13.57
CA ALA A 135 8.11 20.13 12.29
C ALA A 135 9.31 19.95 11.36
N GLN A 136 10.52 19.97 11.90
CA GLN A 136 11.72 19.79 11.09
C GLN A 136 11.67 18.45 10.36
N LEU A 137 11.49 17.38 11.13
CA LEU A 137 11.43 16.03 10.58
C LEU A 137 10.31 15.92 9.58
N ASN A 138 9.17 16.53 9.90
CA ASN A 138 8.01 16.51 9.00
C ASN A 138 8.30 17.23 7.68
N SER A 139 8.81 18.46 7.78
CA SER A 139 8.74 19.38 6.64
C SER A 139 9.95 19.18 5.75
N LYS A 140 11.08 18.84 6.34
CA LYS A 140 12.30 18.65 5.57
C LYS A 140 12.40 17.22 5.03
N TYR A 141 11.98 16.24 5.82
CA TYR A 141 12.35 14.84 5.58
C TYR A 141 11.12 13.92 5.45
N GLY A 142 9.93 14.50 5.53
CA GLY A 142 8.70 13.74 5.38
C GLY A 142 8.46 12.71 6.47
N LYS A 143 9.18 12.84 7.57
CA LYS A 143 9.07 11.88 8.66
C LYS A 143 8.10 12.41 9.74
N LYS A 144 7.01 11.70 9.97
CA LYS A 144 5.92 12.19 10.79
C LYS A 144 5.91 11.41 12.11
N VAL A 145 6.28 12.07 13.19
CA VAL A 145 6.38 11.43 14.50
C VAL A 145 5.56 12.19 15.56
N LEU A 146 4.99 11.43 16.50
CA LEU A 146 4.13 11.94 17.58
C LEU A 146 2.79 12.49 17.09
N ILE A 147 2.85 13.40 16.12
CA ILE A 147 1.63 13.98 15.59
C ILE A 147 1.74 14.09 14.08
N ASN A 148 0.80 13.46 13.37
CA ASN A 148 0.89 13.30 11.91
C ASN A 148 0.11 14.39 11.20
N LEU A 149 0.82 15.44 10.80
CA LEU A 149 0.25 16.55 10.05
C LEU A 149 0.65 16.47 8.58
N PHE A 150 -0.34 16.41 7.68
CA PHE A 150 -0.06 16.39 6.25
C PHE A 150 -1.08 17.25 5.49
N VAL A 151 -0.64 17.89 4.41
CA VAL A 151 -1.57 18.34 3.38
C VAL A 151 -2.08 17.18 2.52
N GLY A 152 -3.40 17.05 2.46
CA GLY A 152 -4.04 16.15 1.53
C GLY A 152 -5.33 16.70 0.95
N THR A 153 -6.00 15.86 0.16
CA THR A 153 -7.28 16.22 -0.41
C THR A 153 -8.37 16.37 0.67
N ASP A 154 -9.30 17.30 0.45
CA ASP A 154 -10.44 17.46 1.36
C ASP A 154 -11.56 16.47 1.06
N ASP A 155 -11.78 15.53 1.96
CA ASP A 155 -12.78 14.49 1.73
C ASP A 155 -14.13 15.07 1.31
N LYS A 156 -14.48 16.22 1.86
CA LYS A 156 -15.79 16.82 1.58
C LYS A 156 -15.76 17.88 0.49
N ASN A 157 -14.58 18.23 0.02
CA ASN A 157 -14.48 19.07 -1.18
C ASN A 157 -13.28 18.73 -2.05
N SER A 158 -13.51 17.90 -3.05
CA SER A 158 -12.48 17.05 -3.62
C SER A 158 -11.57 17.82 -4.57
N VAL A 159 -11.89 19.09 -4.81
CA VAL A 159 -11.04 19.93 -5.64
C VAL A 159 -9.98 20.64 -4.81
N ASN A 160 -10.16 20.62 -3.49
CA ASN A 160 -9.31 21.41 -2.61
C ASN A 160 -8.38 20.54 -1.80
N HIS A 161 -7.31 21.14 -1.31
CA HIS A 161 -6.49 20.53 -0.28
C HIS A 161 -6.76 21.19 1.07
N VAL A 162 -6.44 20.45 2.13
CA VAL A 162 -6.50 20.97 3.48
C VAL A 162 -5.45 20.30 4.35
N ILE A 163 -5.06 20.97 5.42
CA ILE A 163 -4.20 20.37 6.42
C ILE A 163 -4.98 19.34 7.25
N HIS A 164 -4.32 18.21 7.52
CA HIS A 164 -4.90 17.11 8.27
C HIS A 164 -4.07 16.89 9.51
N ILE A 165 -4.70 16.42 10.57
CA ILE A 165 -3.96 15.96 11.73
C ILE A 165 -4.39 14.53 12.06
N ASP A 166 -3.42 13.63 12.14
CA ASP A 166 -3.75 12.23 12.40
C ASP A 166 -2.72 11.60 13.31
N GLN A 167 -3.02 10.41 13.83
CA GLN A 167 -2.07 9.69 14.67
C GLN A 167 -0.91 9.24 13.79
N PRO A 168 0.27 9.10 14.38
CA PRO A 168 1.46 8.71 13.60
C PRO A 168 1.57 7.20 13.39
N ARG A 169 2.32 6.79 12.37
CA ARG A 169 2.73 5.40 12.22
C ARG A 169 3.70 5.00 13.33
N LEU A 170 3.83 3.70 13.55
CA LEU A 170 4.70 3.17 14.59
C LEU A 170 5.90 2.48 13.97
N GLY A 171 6.95 2.28 14.76
CA GLY A 171 8.14 1.59 14.30
C GLY A 171 7.92 0.11 14.05
N LEU A 172 7.01 -0.49 14.83
CA LEU A 172 6.57 -1.85 14.56
C LEU A 172 5.34 -1.83 13.66
N PRO A 173 5.02 -2.93 12.99
CA PRO A 173 3.99 -2.90 11.93
C PRO A 173 2.57 -2.55 12.38
N SER A 174 2.17 -2.89 13.60
CA SER A 174 0.87 -2.48 14.10
C SER A 174 0.89 -2.28 15.61
N ARG A 175 -0.16 -1.67 16.15
CA ARG A 175 -0.23 -1.41 17.58
C ARG A 175 -0.15 -2.71 18.36
N ASP A 176 -0.60 -3.80 17.75
CA ASP A 176 -0.62 -5.11 18.40
C ASP A 176 0.74 -5.56 18.89
N TYR A 177 1.76 -5.23 18.11
CA TYR A 177 3.11 -5.73 18.35
C TYR A 177 3.57 -5.28 19.72
N TYR A 178 3.08 -4.13 20.16
CA TYR A 178 3.55 -3.51 21.38
C TYR A 178 3.05 -4.22 22.64
N GLU A 179 2.20 -5.24 22.46
CA GLU A 179 1.98 -6.21 23.54
C GLU A 179 3.28 -6.87 23.94
N CYS A 180 4.09 -7.20 22.95
CA CYS A 180 5.46 -7.66 23.15
C CYS A 180 5.54 -9.01 23.89
N THR A 181 4.48 -9.79 23.80
CA THR A 181 4.53 -11.15 24.32
C THR A 181 4.29 -12.17 23.21
N GLY A 182 4.53 -13.43 23.52
CA GLY A 182 4.12 -14.51 22.64
C GLY A 182 4.67 -14.25 21.25
N ILE A 183 3.80 -14.22 20.25
CA ILE A 183 4.24 -14.13 18.85
C ILE A 183 4.88 -12.79 18.51
N TYR A 184 4.80 -11.83 19.43
CA TYR A 184 5.38 -10.50 19.19
C TYR A 184 6.69 -10.28 19.94
N LYS A 185 7.06 -11.26 20.76
CA LYS A 185 8.19 -11.09 21.67
C LYS A 185 9.47 -10.84 20.90
N GLU A 186 9.73 -11.65 19.87
CA GLU A 186 11.00 -11.54 19.16
C GLU A 186 11.11 -10.19 18.43
N ALA A 187 10.01 -9.66 17.91
CA ALA A 187 10.07 -8.41 17.16
C ALA A 187 10.37 -7.26 18.11
N CYS A 188 9.79 -7.31 19.29
CA CYS A 188 9.97 -6.22 20.25
C CYS A 188 11.40 -6.24 20.76
N THR A 189 11.91 -7.45 20.97
CA THR A 189 13.29 -7.63 21.36
C THR A 189 14.25 -7.19 20.26
N ALA A 190 13.94 -7.52 19.01
CA ALA A 190 14.82 -7.15 17.90
C ALA A 190 14.79 -5.64 17.65
N TYR A 191 13.63 -5.04 17.86
CA TYR A 191 13.41 -3.60 17.70
C TYR A 191 14.31 -2.82 18.65
N VAL A 192 14.31 -3.20 19.91
CA VAL A 192 15.14 -2.50 20.88
C VAL A 192 16.63 -2.79 20.68
N ASP A 193 16.96 -4.04 20.36
CA ASP A 193 18.34 -4.40 20.04
C ASP A 193 18.84 -3.59 18.84
N PHE A 194 17.93 -3.31 17.91
CA PHE A 194 18.21 -2.56 16.69
C PHE A 194 18.51 -1.10 17.03
N MET A 195 17.62 -0.46 17.78
CA MET A 195 17.94 0.81 18.41
C MET A 195 19.36 0.82 18.95
N ILE A 196 19.65 -0.14 19.82
CA ILE A 196 20.88 -0.14 20.58
C ILE A 196 22.08 -0.28 19.64
N SER A 197 21.98 -1.21 18.69
CA SER A 197 23.09 -1.49 17.78
C SER A 197 23.47 -0.27 16.96
N VAL A 198 22.46 0.51 16.55
CA VAL A 198 22.71 1.69 15.72
C VAL A 198 23.36 2.77 16.57
N ALA A 199 22.81 3.01 17.75
CA ALA A 199 23.35 4.00 18.66
C ALA A 199 24.82 3.68 18.92
N ARG A 200 25.12 2.40 19.00
CA ARG A 200 26.48 1.94 19.27
C ARG A 200 27.42 2.23 18.09
N LEU A 201 26.97 1.92 16.87
CA LEU A 201 27.77 2.21 15.70
C LEU A 201 28.06 3.70 15.59
N ILE A 202 27.05 4.52 15.87
CA ILE A 202 27.20 5.96 15.80
C ILE A 202 28.21 6.46 16.83
N ARG A 203 28.09 6.01 18.07
CA ARG A 203 29.03 6.38 19.13
C ARG A 203 30.44 5.92 18.78
N GLN A 204 30.59 4.68 18.31
CA GLN A 204 31.89 4.19 17.87
C GLN A 204 32.46 5.09 16.77
N GLU A 205 31.63 5.46 15.80
CA GLU A 205 32.10 6.25 14.67
C GLU A 205 32.44 7.66 15.13
N GLU A 206 31.74 8.15 16.14
CA GLU A 206 31.99 9.48 16.67
C GLU A 206 33.13 9.47 17.67
N ARG A 207 33.78 8.33 17.84
CA ARG A 207 34.68 8.06 18.95
C ARG A 207 34.15 8.61 20.27
N LEU A 208 32.97 8.18 20.65
CA LEU A 208 32.44 8.46 21.99
C LEU A 208 32.52 7.24 22.89
N PRO A 209 32.45 7.48 24.19
CA PRO A 209 32.39 6.39 25.16
C PRO A 209 31.09 5.63 25.02
N ILE A 210 31.14 4.32 25.24
CA ILE A 210 29.96 3.48 25.10
C ILE A 210 29.71 2.75 26.41
N ASP A 211 28.54 3.00 26.99
CA ASP A 211 28.14 2.36 28.24
C ASP A 211 26.89 1.54 27.99
N GLU A 212 27.07 0.24 27.81
CA GLU A 212 26.01 -0.62 27.31
C GLU A 212 24.76 -0.46 28.16
N ASN A 213 24.96 -0.38 29.47
CA ASN A 213 23.85 -0.32 30.40
C ASN A 213 23.01 0.92 30.16
N GLN A 214 23.69 2.02 29.85
CA GLN A 214 23.01 3.28 29.60
C GLN A 214 22.37 3.28 28.21
N LEU A 215 23.01 2.61 27.27
CA LEU A 215 22.40 2.34 25.96
C LEU A 215 21.07 1.66 26.16
N ALA A 216 21.12 0.51 26.85
CA ALA A 216 19.94 -0.31 27.07
C ALA A 216 18.87 0.50 27.79
N LEU A 217 19.31 1.34 28.71
CA LEU A 217 18.39 2.09 29.56
C LEU A 217 17.65 3.16 28.76
N GLU A 218 18.37 3.86 27.89
CA GLU A 218 17.75 4.91 27.09
C GLU A 218 16.82 4.33 26.01
N MET A 219 17.22 3.23 25.41
CA MET A 219 16.44 2.66 24.32
C MET A 219 15.21 1.95 24.87
N ASN A 220 15.26 1.50 26.11
CA ASN A 220 14.08 0.88 26.68
C ASN A 220 13.02 1.92 26.98
N LYS A 221 13.44 3.11 27.42
CA LYS A 221 12.51 4.23 27.58
C LYS A 221 11.91 4.68 26.25
N VAL A 222 12.66 4.59 25.16
CA VAL A 222 12.07 4.78 23.84
C VAL A 222 10.94 3.78 23.59
N MET A 223 11.19 2.51 23.89
CA MET A 223 10.14 1.49 23.74
C MET A 223 8.97 1.78 24.66
N GLU A 224 9.24 2.22 25.89
CA GLU A 224 8.15 2.41 26.82
C GLU A 224 7.30 3.56 26.32
N LEU A 225 7.96 4.62 25.87
CA LEU A 225 7.28 5.72 25.18
C LEU A 225 6.40 5.25 24.05
N GLU A 226 6.95 4.46 23.14
CA GLU A 226 6.20 4.15 21.93
C GLU A 226 5.11 3.15 22.22
N LYS A 227 5.27 2.36 23.27
CA LYS A 227 4.18 1.54 23.78
C LYS A 227 2.97 2.39 24.13
N GLU A 228 3.17 3.45 24.92
CA GLU A 228 2.08 4.34 25.28
C GLU A 228 1.40 4.99 24.07
N ILE A 229 2.19 5.45 23.12
CA ILE A 229 1.68 5.98 21.87
C ILE A 229 0.83 4.94 21.14
N ALA A 230 1.38 3.73 21.04
CA ALA A 230 0.71 2.67 20.33
C ALA A 230 -0.65 2.46 20.96
N ASN A 231 -0.65 2.34 22.28
CA ASN A 231 -1.85 2.05 23.03
C ASN A 231 -2.83 3.21 22.91
N ALA A 232 -2.30 4.41 22.70
CA ALA A 232 -3.15 5.58 22.53
C ALA A 232 -3.78 5.68 21.14
N THR A 233 -3.17 5.06 20.13
CA THR A 233 -3.74 5.09 18.80
C THR A 233 -5.06 4.35 18.73
N ALA A 234 -5.91 4.80 17.83
CA ALA A 234 -7.15 4.12 17.54
C ALA A 234 -6.91 2.94 16.62
N LYS A 235 -7.67 1.87 16.86
CA LYS A 235 -7.66 0.68 16.02
C LYS A 235 -8.23 0.99 14.64
N PRO A 236 -7.79 0.24 13.65
CA PRO A 236 -8.32 0.36 12.28
C PRO A 236 -9.84 0.17 12.25
N GLU A 237 -10.33 -0.70 13.13
CA GLU A 237 -11.76 -1.00 13.17
C GLU A 237 -12.57 0.22 13.63
N ASP A 238 -11.91 1.14 14.33
CA ASP A 238 -12.59 2.36 14.78
C ASP A 238 -12.27 3.54 13.86
N ARG A 239 -11.68 3.27 12.70
CA ARG A 239 -11.24 4.31 11.78
C ARG A 239 -11.84 4.06 10.40
N ASN A 240 -12.76 3.11 10.34
CA ASN A 240 -13.27 2.59 9.08
C ASN A 240 -14.50 3.35 8.58
N ASP A 241 -14.92 4.37 9.32
CA ASP A 241 -16.09 5.15 8.92
C ASP A 241 -15.70 6.58 8.60
N PRO A 242 -15.58 6.88 7.32
CA PRO A 242 -15.00 8.14 6.88
C PRO A 242 -15.82 9.33 7.39
N MET A 243 -17.12 9.15 7.51
CA MET A 243 -17.97 10.20 8.07
C MET A 243 -17.63 10.46 9.52
N LEU A 244 -17.33 9.41 10.28
CA LEU A 244 -16.93 9.59 11.67
C LEU A 244 -15.52 10.15 11.78
N LEU A 245 -14.67 9.83 10.82
CA LEU A 245 -13.26 10.19 10.93
C LEU A 245 -13.09 11.69 10.64
N TYR A 246 -13.99 12.25 9.84
CA TYR A 246 -13.85 13.62 9.34
C TYR A 246 -14.34 14.62 10.38
N ASN A 247 -13.40 15.26 11.06
CA ASN A 247 -13.72 16.33 12.00
C ASN A 247 -13.01 17.63 11.65
N LYS A 248 -13.71 18.52 10.98
CA LYS A 248 -13.12 19.78 10.52
C LYS A 248 -13.25 20.87 11.59
N MET A 249 -12.10 21.33 12.05
CA MET A 249 -12.00 22.34 13.11
C MET A 249 -11.18 23.50 12.55
N THR A 250 -11.11 24.58 13.31
CA THR A 250 -10.05 25.58 13.14
C THR A 250 -8.90 25.33 14.10
N LEU A 251 -7.71 25.78 13.74
CA LEU A 251 -6.56 25.71 14.63
C LEU A 251 -6.86 26.29 16.00
N ALA A 252 -7.74 27.29 16.02
CA ALA A 252 -8.25 27.82 17.28
C ALA A 252 -8.95 26.74 18.07
N GLN A 253 -9.99 26.16 17.48
CA GLN A 253 -10.69 25.05 18.13
C GLN A 253 -9.68 24.02 18.62
N ILE A 254 -8.71 23.69 17.76
CA ILE A 254 -7.73 22.66 18.08
C ILE A 254 -6.91 23.05 19.30
N GLN A 255 -6.43 24.29 19.31
CA GLN A 255 -5.68 24.79 20.45
C GLN A 255 -6.51 24.69 21.71
N ASN A 256 -7.82 24.93 21.59
CA ASN A 256 -8.67 25.03 22.77
C ASN A 256 -9.21 23.67 23.20
N ASN A 257 -9.26 22.72 22.26
CA ASN A 257 -9.85 21.43 22.54
C ASN A 257 -8.83 20.30 22.66
N PHE A 258 -7.60 20.53 22.21
CA PHE A 258 -6.56 19.51 22.27
C PHE A 258 -5.20 20.07 22.68
N SER A 259 -5.11 20.56 23.92
CA SER A 259 -3.86 21.13 24.44
C SER A 259 -2.87 20.03 24.81
N LEU A 260 -1.60 20.30 24.55
CA LEU A 260 -0.52 19.45 25.03
C LEU A 260 0.48 20.29 25.77
N GLU A 261 1.15 19.68 26.74
CA GLU A 261 2.28 20.33 27.40
C GLU A 261 3.52 19.44 27.34
N ILE A 262 4.44 19.80 26.46
CA ILE A 262 5.69 19.05 26.31
C ILE A 262 6.86 19.79 26.95
N ASN A 263 7.66 19.07 27.72
CA ASN A 263 8.83 19.68 28.35
C ASN A 263 8.46 20.98 29.02
N GLY A 264 7.16 21.16 29.29
CA GLY A 264 6.64 22.38 29.86
C GLY A 264 6.67 23.53 28.88
N LYS A 265 5.83 23.46 27.85
CA LYS A 265 5.65 24.61 26.97
C LYS A 265 4.63 25.58 27.55
N PRO A 266 3.36 25.38 27.23
CA PRO A 266 2.90 24.23 26.44
C PRO A 266 2.82 24.53 24.94
N PHE A 267 2.03 23.72 24.24
CA PHE A 267 2.29 23.42 22.83
C PHE A 267 1.43 24.31 21.95
N SER A 268 2.05 24.96 20.98
CA SER A 268 1.34 25.92 20.15
C SER A 268 1.09 25.34 18.77
N TRP A 269 -0.16 25.02 18.50
CA TRP A 269 -0.56 24.42 17.23
C TRP A 269 -0.34 25.41 16.07
N LEU A 270 -0.63 26.68 16.31
CA LEU A 270 -0.30 27.73 15.35
C LEU A 270 1.17 27.71 14.97
N ASN A 271 2.02 27.56 15.99
CA ASN A 271 3.45 27.68 15.79
C ASN A 271 4.02 26.43 15.13
N PHE A 272 3.68 25.27 15.69
CA PHE A 272 3.95 23.98 15.06
C PHE A 272 3.58 24.02 13.59
N THR A 273 2.37 24.46 13.29
CA THR A 273 1.82 24.40 11.93
C THR A 273 2.49 25.38 10.97
N ASN A 274 2.75 26.59 11.46
CA ASN A 274 3.54 27.53 10.66
C ASN A 274 5.00 27.09 10.50
N GLU A 275 5.54 26.44 11.52
CA GLU A 275 6.95 26.03 11.47
C GLU A 275 7.13 24.91 10.46
N ILE A 276 6.02 24.24 10.13
CA ILE A 276 5.98 23.37 8.96
C ILE A 276 5.77 24.16 7.68
N MET A 277 4.65 24.88 7.61
CA MET A 277 4.21 25.49 6.37
C MET A 277 5.12 26.66 5.94
N SER A 278 5.78 27.29 6.90
CA SER A 278 6.76 28.32 6.57
C SER A 278 7.74 27.80 5.53
N THR A 279 7.77 26.48 5.40
CA THR A 279 8.82 25.81 4.65
C THR A 279 8.57 25.98 3.15
N VAL A 280 7.33 26.28 2.81
CA VAL A 280 6.99 26.66 1.44
C VAL A 280 6.37 28.06 1.42
N ASN A 281 6.91 28.94 2.25
CA ASN A 281 6.46 30.33 2.26
C ASN A 281 4.95 30.38 2.26
N ILE A 282 4.33 29.65 3.18
CA ILE A 282 2.89 29.69 3.33
C ILE A 282 2.51 29.98 4.78
N SER A 283 1.50 30.84 4.93
CA SER A 283 1.18 31.46 6.20
C SER A 283 -0.15 30.95 6.72
N ILE A 284 -0.19 30.62 8.01
CA ILE A 284 -1.31 29.90 8.60
C ILE A 284 -2.00 30.74 9.65
N THR A 285 -3.28 31.03 9.46
CA THR A 285 -4.05 31.74 10.48
C THR A 285 -4.60 30.75 11.51
N ASN A 286 -4.26 30.96 12.78
CA ASN A 286 -4.96 30.31 13.88
C ASN A 286 -6.43 30.14 13.57
N GLU A 287 -6.87 30.73 12.47
CA GLU A 287 -8.22 30.52 11.97
C GLU A 287 -8.23 29.62 10.71
N GLU A 288 -7.16 28.86 10.53
CA GLU A 288 -7.08 27.86 9.46
C GLU A 288 -7.97 26.65 9.74
N ASP A 289 -8.70 26.21 8.72
CA ASP A 289 -9.50 24.98 8.81
C ASP A 289 -8.64 23.72 8.70
N VAL A 290 -8.88 22.77 9.58
CA VAL A 290 -8.05 21.57 9.67
C VAL A 290 -8.97 20.36 9.85
N VAL A 291 -8.62 19.26 9.17
CA VAL A 291 -9.33 18.01 9.34
C VAL A 291 -8.61 17.13 10.36
N VAL A 292 -9.31 16.78 11.42
CA VAL A 292 -8.67 16.08 12.53
C VAL A 292 -9.16 14.65 12.60
N TYR A 293 -8.29 13.71 12.22
CA TYR A 293 -8.69 12.33 11.96
C TYR A 293 -8.69 11.51 13.25
N ALA A 294 -8.07 12.03 14.29
CA ALA A 294 -7.77 11.26 15.50
C ALA A 294 -7.85 12.16 16.74
N PRO A 295 -9.01 12.75 16.95
CA PRO A 295 -9.29 13.54 18.15
C PRO A 295 -8.96 12.78 19.44
N GLU A 296 -9.46 11.56 19.56
CA GLU A 296 -9.29 10.80 20.80
C GLU A 296 -7.80 10.62 21.10
N TYR A 297 -6.98 10.55 20.06
CA TYR A 297 -5.61 10.15 20.23
C TYR A 297 -4.82 11.34 20.77
N LEU A 298 -5.13 12.51 20.23
CA LEU A 298 -4.60 13.76 20.73
C LEU A 298 -4.98 13.95 22.19
N THR A 299 -6.23 13.67 22.50
CA THR A 299 -6.71 13.75 23.88
C THR A 299 -5.87 12.84 24.75
N LYS A 300 -5.67 11.59 24.33
CA LYS A 300 -4.94 10.64 25.16
C LYS A 300 -3.46 11.03 25.27
N LEU A 301 -2.95 11.70 24.24
CA LEU A 301 -1.54 12.10 24.17
C LEU A 301 -1.14 13.02 25.32
N LYS A 302 -2.06 13.89 25.73
CA LYS A 302 -1.76 14.96 26.69
C LYS A 302 -1.13 14.40 27.95
N PRO A 303 -1.82 13.48 28.60
CA PRO A 303 -1.28 12.77 29.77
C PRO A 303 0.04 12.03 29.52
N ILE A 304 0.28 11.54 28.32
CA ILE A 304 1.46 10.72 28.07
C ILE A 304 2.69 11.61 28.00
N LEU A 305 2.62 12.62 27.16
CA LEU A 305 3.78 13.41 26.80
C LEU A 305 4.32 14.15 28.02
N THR A 306 3.44 14.46 28.97
CA THR A 306 3.80 15.29 30.10
C THR A 306 4.82 14.58 31.00
N LYS A 307 4.95 13.27 30.79
CA LYS A 307 5.74 12.45 31.69
C LYS A 307 7.18 12.28 31.19
N TYR A 308 7.48 12.75 29.98
CA TYR A 308 8.73 12.44 29.32
C TYR A 308 9.59 13.69 29.08
N SER A 309 10.91 13.53 29.13
CA SER A 309 11.81 14.62 28.81
C SER A 309 11.82 14.95 27.32
N ALA A 310 12.27 16.15 26.98
CA ALA A 310 12.60 16.45 25.59
C ALA A 310 13.59 15.41 25.06
N ARG A 311 14.52 15.03 25.91
CA ARG A 311 15.55 14.06 25.53
C ARG A 311 14.92 12.71 25.23
N ASP A 312 13.92 12.32 26.02
CA ASP A 312 13.17 11.10 25.78
C ASP A 312 12.49 11.16 24.42
N LEU A 313 11.82 12.27 24.17
CA LEU A 313 10.95 12.38 23.01
C LEU A 313 11.80 12.36 21.74
N GLN A 314 12.95 13.01 21.81
CA GLN A 314 13.80 13.15 20.63
C GLN A 314 14.57 11.86 20.38
N ASN A 315 14.85 11.10 21.43
CA ASN A 315 15.37 9.75 21.25
C ASN A 315 14.45 8.89 20.37
N LEU A 316 13.14 8.95 20.60
CA LEU A 316 12.15 8.26 19.75
C LEU A 316 12.06 8.90 18.38
N MET A 317 11.97 10.21 18.36
CA MET A 317 11.68 10.95 17.15
C MET A 317 12.76 10.71 16.12
N SER A 318 14.01 10.89 16.53
CA SER A 318 15.15 10.70 15.63
C SER A 318 15.37 9.22 15.28
N TRP A 319 15.16 8.31 16.23
CA TRP A 319 15.19 6.89 15.90
C TRP A 319 14.23 6.56 14.77
N ARG A 320 13.08 7.20 14.75
CA ARG A 320 12.03 6.81 13.82
C ARG A 320 12.41 7.21 12.38
N PHE A 321 13.31 8.18 12.27
CA PHE A 321 13.90 8.55 10.99
C PHE A 321 15.12 7.69 10.72
N ILE A 322 16.03 7.62 11.68
CA ILE A 322 17.27 6.89 11.49
C ILE A 322 16.96 5.46 11.09
N MET A 323 15.96 4.89 11.74
CA MET A 323 15.39 3.62 11.35
C MET A 323 15.46 3.42 9.83
N ASP A 324 14.94 4.39 9.07
CA ASP A 324 14.75 4.24 7.61
C ASP A 324 16.05 4.42 6.80
N LEU A 325 17.03 5.06 7.40
CA LEU A 325 18.20 5.55 6.67
C LEU A 325 19.33 4.53 6.65
N VAL A 326 19.35 3.65 7.65
CA VAL A 326 20.47 2.76 7.88
C VAL A 326 20.77 1.85 6.70
N SER A 327 19.74 1.41 5.98
CA SER A 327 19.96 0.48 4.89
C SER A 327 20.55 1.22 3.67
N SER A 328 20.71 2.52 3.79
CA SER A 328 21.31 3.30 2.72
C SER A 328 22.76 3.71 3.06
N LEU A 329 23.26 3.19 4.18
CA LEU A 329 24.65 3.44 4.59
C LEU A 329 25.52 2.21 4.37
N SER A 330 26.67 2.16 5.04
CA SER A 330 27.62 1.09 4.78
C SER A 330 27.16 -0.23 5.41
N ARG A 331 27.90 -1.30 5.13
CA ARG A 331 27.43 -2.65 5.42
C ARG A 331 27.16 -2.82 6.91
N THR A 332 28.05 -2.29 7.74
CA THR A 332 27.88 -2.39 9.17
C THR A 332 26.54 -1.83 9.61
N TYR A 333 26.13 -0.72 8.99
CA TYR A 333 24.84 -0.13 9.29
C TYR A 333 23.71 -0.96 8.69
N LYS A 334 23.90 -1.40 7.45
CA LYS A 334 22.95 -2.30 6.80
C LYS A 334 22.71 -3.52 7.67
N GLU A 335 23.81 -4.08 8.14
CA GLU A 335 23.85 -5.28 8.97
C GLU A 335 22.95 -5.18 10.19
N SER A 336 22.90 -4.00 10.78
CA SER A 336 22.32 -3.84 12.10
C SER A 336 20.83 -4.13 12.05
N ARG A 337 20.27 -4.14 10.85
CA ARG A 337 18.82 -4.30 10.67
C ARG A 337 18.40 -5.76 10.54
N ASN A 338 19.37 -6.67 10.56
CA ASN A 338 19.15 -8.07 10.16
C ASN A 338 18.06 -8.75 10.98
N ALA A 339 18.21 -8.75 12.30
CA ALA A 339 17.28 -9.47 13.16
C ALA A 339 15.90 -8.84 13.12
N PHE A 340 15.85 -7.52 13.03
CA PHE A 340 14.61 -6.77 12.95
C PHE A 340 13.83 -7.16 11.69
N ARG A 341 14.48 -7.13 10.53
CA ARG A 341 13.73 -7.47 9.33
C ARG A 341 13.33 -8.95 9.32
N LYS A 342 14.17 -9.83 9.85
CA LYS A 342 13.79 -11.23 10.02
C LYS A 342 12.54 -11.37 10.90
N ALA A 343 12.49 -10.67 12.03
CA ALA A 343 11.33 -10.76 12.92
C ALA A 343 10.03 -10.33 12.22
N LEU A 344 10.12 -9.35 11.34
CA LEU A 344 8.93 -8.74 10.74
C LEU A 344 8.51 -9.43 9.44
N TYR A 345 9.49 -10.00 8.75
CA TYR A 345 9.32 -10.41 7.35
C TYR A 345 9.75 -11.85 7.13
N GLY A 346 10.56 -12.38 8.04
CA GLY A 346 10.99 -13.76 7.98
C GLY A 346 12.17 -13.95 7.05
N THR A 347 12.57 -12.89 6.35
CA THR A 347 13.64 -12.96 5.37
C THR A 347 15.03 -13.04 6.03
N THR A 348 15.94 -13.80 5.42
CA THR A 348 17.28 -14.00 5.97
C THR A 348 18.35 -13.25 5.17
N SER A 349 17.94 -12.65 4.07
CA SER A 349 18.85 -11.89 3.20
C SER A 349 18.08 -10.72 2.62
N GLU A 350 18.77 -9.64 2.25
CA GLU A 350 18.10 -8.58 1.49
C GLU A 350 18.01 -8.99 0.03
N THR A 351 17.00 -8.46 -0.66
CA THR A 351 16.89 -8.56 -2.10
C THR A 351 18.14 -8.02 -2.79
N ALA A 352 18.43 -8.54 -3.97
CA ALA A 352 19.54 -8.06 -4.78
C ALA A 352 19.53 -6.54 -4.85
N THR A 353 20.71 -5.97 -4.78
CA THR A 353 20.86 -4.53 -4.79
C THR A 353 20.21 -3.90 -6.02
N TRP A 354 20.46 -4.46 -7.21
CA TRP A 354 19.89 -3.88 -8.42
C TRP A 354 18.36 -3.85 -8.37
N ARG A 355 17.76 -4.82 -7.69
CA ARG A 355 16.30 -4.88 -7.60
C ARG A 355 15.79 -3.79 -6.66
N ARG A 356 16.42 -3.65 -5.49
CA ARG A 356 16.04 -2.61 -4.54
C ARG A 356 16.17 -1.26 -5.21
N CYS A 357 17.22 -1.13 -6.02
CA CYS A 357 17.55 0.14 -6.63
C CYS A 357 16.58 0.44 -7.77
N ALA A 358 16.24 -0.58 -8.56
CA ALA A 358 15.27 -0.41 -9.62
C ALA A 358 13.96 0.08 -9.06
N ASN A 359 13.53 -0.57 -7.98
CA ASN A 359 12.32 -0.18 -7.28
C ASN A 359 12.37 1.22 -6.70
N TYR A 360 13.51 1.58 -6.12
CA TYR A 360 13.66 2.92 -5.56
C TYR A 360 13.50 4.02 -6.64
N VAL A 361 14.20 3.86 -7.77
CA VAL A 361 14.09 4.81 -8.89
C VAL A 361 12.67 4.86 -9.49
N ASN A 362 12.07 3.69 -9.72
CA ASN A 362 10.65 3.57 -10.04
C ASN A 362 9.73 4.34 -9.06
N GLY A 363 9.95 4.18 -7.77
CA GLY A 363 9.13 4.81 -6.76
C GLY A 363 9.22 6.33 -6.72
N ASN A 364 10.37 6.86 -7.13
CA ASN A 364 10.65 8.29 -7.04
C ASN A 364 10.56 9.02 -8.40
N MET A 365 10.67 8.28 -9.49
CA MET A 365 10.50 8.84 -10.82
C MET A 365 9.55 7.97 -11.65
N GLU A 366 8.30 7.86 -11.19
CA GLU A 366 7.39 6.87 -11.72
C GLU A 366 7.04 7.12 -13.18
N ASN A 367 7.04 8.39 -13.59
CA ASN A 367 6.75 8.71 -14.98
C ASN A 367 7.92 8.45 -15.92
N ALA A 368 9.13 8.81 -15.52
CA ALA A 368 10.29 8.53 -16.36
C ALA A 368 10.45 7.01 -16.52
N VAL A 369 10.34 6.28 -15.41
CA VAL A 369 10.49 4.83 -15.44
C VAL A 369 9.34 4.17 -16.17
N GLY A 370 8.13 4.66 -15.93
CA GLY A 370 6.96 4.16 -16.65
C GLY A 370 7.12 4.29 -18.15
N ARG A 371 7.69 5.40 -18.59
CA ARG A 371 7.92 5.63 -20.01
C ARG A 371 8.84 4.56 -20.60
N LEU A 372 9.99 4.35 -19.96
CA LEU A 372 10.96 3.36 -20.41
C LEU A 372 10.35 1.95 -20.36
N TYR A 373 9.55 1.70 -19.33
CA TYR A 373 8.90 0.40 -19.17
C TYR A 373 7.95 0.12 -20.31
N VAL A 374 7.04 1.05 -20.58
CA VAL A 374 6.00 0.76 -21.56
C VAL A 374 6.63 0.68 -22.94
N GLU A 375 7.67 1.47 -23.18
CA GLU A 375 8.39 1.37 -24.46
C GLU A 375 9.02 -0.03 -24.61
N ALA A 376 9.50 -0.60 -23.52
CA ALA A 376 10.13 -1.92 -23.58
C ALA A 376 9.11 -3.06 -23.65
N ALA A 377 8.00 -2.93 -22.93
CA ALA A 377 7.26 -4.13 -22.50
C ALA A 377 5.77 -4.06 -22.78
N PHE A 378 5.23 -2.90 -23.12
CA PHE A 378 3.77 -2.77 -23.19
C PHE A 378 3.24 -2.58 -24.62
N ALA A 379 2.25 -3.38 -25.00
CA ALA A 379 1.97 -3.61 -26.42
C ALA A 379 1.65 -2.31 -27.14
N GLY A 380 0.69 -1.55 -26.60
CA GLY A 380 0.13 -0.44 -27.36
C GLY A 380 -1.36 -0.58 -27.62
N GLU A 381 -1.81 -1.78 -27.99
CA GLU A 381 -3.22 -2.00 -28.29
C GLU A 381 -3.92 -2.85 -27.23
N SER A 382 -3.14 -3.35 -26.27
CA SER A 382 -3.66 -3.75 -24.98
C SER A 382 -4.60 -2.69 -24.44
N LYS A 383 -4.24 -1.44 -24.64
CA LYS A 383 -4.99 -0.34 -24.05
C LYS A 383 -6.44 -0.37 -24.55
N HIS A 384 -6.59 -0.46 -25.87
CA HIS A 384 -7.92 -0.41 -26.49
C HIS A 384 -8.79 -1.58 -26.05
N VAL A 385 -8.21 -2.77 -25.95
CA VAL A 385 -8.95 -3.95 -25.53
C VAL A 385 -9.41 -3.80 -24.08
N VAL A 386 -8.50 -3.33 -23.24
CA VAL A 386 -8.82 -3.16 -21.83
C VAL A 386 -9.92 -2.11 -21.63
N GLU A 387 -9.85 -1.03 -22.40
CA GLU A 387 -10.86 0.03 -22.38
C GLU A 387 -12.24 -0.55 -22.60
N ASP A 388 -12.34 -1.47 -23.55
CA ASP A 388 -13.60 -2.09 -23.87
C ASP A 388 -14.05 -3.09 -22.79
N LEU A 389 -13.12 -3.82 -22.19
CA LEU A 389 -13.50 -4.71 -21.09
C LEU A 389 -14.07 -3.92 -19.92
N ILE A 390 -13.48 -2.76 -19.65
CA ILE A 390 -13.90 -1.92 -18.55
C ILE A 390 -15.29 -1.34 -18.81
N ALA A 391 -15.52 -0.87 -20.03
CA ALA A 391 -16.88 -0.52 -20.48
C ALA A 391 -17.88 -1.63 -20.18
N GLN A 392 -17.50 -2.87 -20.47
CA GLN A 392 -18.42 -3.98 -20.31
C GLN A 392 -18.75 -4.17 -18.84
N ILE A 393 -17.73 -4.17 -17.99
CA ILE A 393 -17.92 -4.55 -16.59
C ILE A 393 -18.68 -3.45 -15.87
N ARG A 394 -18.41 -2.21 -16.25
CA ARG A 394 -19.18 -1.06 -15.78
C ARG A 394 -20.67 -1.19 -16.09
N GLU A 395 -20.98 -1.70 -17.29
CA GLU A 395 -22.36 -1.90 -17.71
C GLU A 395 -22.99 -2.99 -16.87
N VAL A 396 -22.22 -4.03 -16.58
CA VAL A 396 -22.74 -5.18 -15.86
C VAL A 396 -23.03 -4.80 -14.41
N PHE A 397 -22.18 -3.98 -13.82
CA PHE A 397 -22.46 -3.40 -12.50
C PHE A 397 -23.77 -2.61 -12.51
N ILE A 398 -23.87 -1.67 -13.44
CA ILE A 398 -25.09 -0.89 -13.63
C ILE A 398 -26.31 -1.81 -13.76
N GLN A 399 -26.22 -2.78 -14.67
CA GLN A 399 -27.36 -3.62 -14.97
C GLN A 399 -27.75 -4.41 -13.72
N THR A 400 -26.77 -4.74 -12.89
CA THR A 400 -27.01 -5.62 -11.75
C THR A 400 -27.80 -4.88 -10.68
N LEU A 401 -27.74 -3.56 -10.70
CA LEU A 401 -28.40 -2.78 -9.66
C LEU A 401 -29.85 -3.23 -9.58
N ASP A 402 -30.38 -3.70 -10.70
CA ASP A 402 -31.81 -3.89 -10.83
C ASP A 402 -32.21 -5.21 -10.20
N ASP A 403 -31.25 -6.13 -10.09
CA ASP A 403 -31.50 -7.42 -9.46
C ASP A 403 -31.26 -7.40 -7.94
N LEU A 404 -30.77 -6.27 -7.42
CA LEU A 404 -30.41 -6.21 -6.00
C LEU A 404 -31.58 -5.75 -5.14
N THR A 405 -32.02 -6.60 -4.22
CA THR A 405 -33.31 -6.41 -3.56
C THR A 405 -33.19 -5.52 -2.34
N TRP A 406 -31.95 -5.20 -1.94
CA TRP A 406 -31.70 -4.59 -0.65
C TRP A 406 -31.45 -3.10 -0.76
N MET A 407 -31.66 -2.55 -1.95
CA MET A 407 -31.67 -1.10 -2.11
C MET A 407 -33.00 -0.62 -2.64
N ASP A 408 -33.34 0.63 -2.32
CA ASP A 408 -34.51 1.27 -2.90
C ASP A 408 -34.16 1.99 -4.19
N ALA A 409 -35.21 2.44 -4.88
CA ALA A 409 -35.08 3.00 -6.21
C ALA A 409 -34.13 4.18 -6.22
N GLU A 410 -34.30 5.12 -5.29
CA GLU A 410 -33.53 6.35 -5.38
C GLU A 410 -32.05 6.04 -5.21
N THR A 411 -31.73 5.16 -4.28
CA THR A 411 -30.33 4.89 -3.96
C THR A 411 -29.65 4.16 -5.12
N LYS A 412 -30.39 3.26 -5.75
CA LYS A 412 -29.96 2.69 -7.01
C LYS A 412 -29.62 3.75 -8.05
N LYS A 413 -30.47 4.77 -8.17
CA LYS A 413 -30.26 5.79 -9.18
C LYS A 413 -28.90 6.42 -8.96
N ARG A 414 -28.63 6.83 -7.72
CA ARG A 414 -27.42 7.55 -7.41
C ARG A 414 -26.19 6.63 -7.54
N ALA A 415 -26.41 5.35 -7.29
CA ALA A 415 -25.37 4.34 -7.48
C ALA A 415 -24.98 4.29 -8.96
N GLU A 416 -25.98 4.31 -9.82
CA GLU A 416 -25.74 4.30 -11.25
C GLU A 416 -25.06 5.60 -11.65
N GLU A 417 -25.58 6.71 -11.15
CA GLU A 417 -24.91 7.99 -11.32
C GLU A 417 -23.42 7.82 -11.10
N LYS A 418 -23.07 7.17 -10.00
CA LYS A 418 -21.67 7.09 -9.60
C LYS A 418 -20.89 6.15 -10.53
N ALA A 419 -21.56 5.11 -11.01
CA ALA A 419 -20.97 4.18 -11.97
C ALA A 419 -20.56 4.89 -13.26
N LEU A 420 -21.46 5.73 -13.77
CA LEU A 420 -21.29 6.31 -15.09
C LEU A 420 -20.19 7.33 -15.01
N ALA A 421 -19.93 7.80 -13.79
CA ALA A 421 -19.04 8.91 -13.58
C ALA A 421 -17.63 8.47 -13.21
N ILE A 422 -17.43 7.17 -13.01
CA ILE A 422 -16.08 6.68 -12.74
C ILE A 422 -15.18 6.92 -13.95
N LYS A 423 -14.01 7.49 -13.72
CA LYS A 423 -13.11 7.84 -14.80
C LYS A 423 -11.92 6.88 -14.82
N GLU A 424 -11.71 6.24 -15.95
CA GLU A 424 -10.80 5.10 -16.02
C GLU A 424 -9.46 5.54 -16.59
N ARG A 425 -8.41 4.85 -16.17
CA ARG A 425 -7.04 5.15 -16.57
C ARG A 425 -6.32 3.85 -16.88
N ILE A 426 -5.85 3.70 -18.10
CA ILE A 426 -5.41 2.40 -18.61
C ILE A 426 -3.99 2.49 -19.12
N GLY A 427 -3.10 1.68 -18.56
CA GLY A 427 -1.75 1.51 -19.10
C GLY A 427 -0.77 2.59 -18.64
N TYR A 428 -0.87 3.77 -19.24
CA TYR A 428 0.00 4.87 -18.89
C TYR A 428 -0.54 6.18 -19.47
N PRO A 429 -0.16 7.32 -18.92
CA PRO A 429 -0.49 8.61 -19.54
C PRO A 429 0.36 8.85 -20.80
N ASP A 430 -0.29 8.95 -21.95
CA ASP A 430 0.41 9.18 -23.21
C ASP A 430 1.44 10.30 -23.11
N ASP A 431 1.17 11.27 -22.24
CA ASP A 431 2.09 12.36 -21.94
C ASP A 431 3.53 11.91 -21.77
N ILE A 432 3.73 10.81 -21.04
CA ILE A 432 5.06 10.54 -20.50
C ILE A 432 5.95 10.09 -21.64
N VAL A 433 5.33 9.68 -22.74
CA VAL A 433 6.11 9.35 -23.94
C VAL A 433 6.12 10.51 -24.94
N SER A 434 5.00 11.22 -25.02
CA SER A 434 4.78 12.16 -26.11
C SER A 434 5.26 13.57 -25.78
N ASN A 435 5.44 13.88 -24.50
CA ASN A 435 5.74 15.25 -24.07
C ASN A 435 7.05 15.36 -23.28
N ASP A 436 8.16 15.55 -23.99
CA ASP A 436 9.46 15.54 -23.36
C ASP A 436 9.62 16.70 -22.37
N ASN A 437 9.20 17.89 -22.77
CA ASN A 437 9.22 19.07 -21.92
C ASN A 437 8.58 18.85 -20.54
N LYS A 438 7.35 18.37 -20.54
CA LYS A 438 6.61 18.15 -19.31
C LYS A 438 7.40 17.21 -18.38
N LEU A 439 7.96 16.13 -18.97
CA LEU A 439 8.59 15.08 -18.19
C LEU A 439 9.89 15.57 -17.57
N ASN A 440 10.74 16.20 -18.38
CA ASN A 440 11.89 16.91 -17.88
C ASN A 440 11.53 17.87 -16.74
N ASN A 441 10.49 18.67 -16.94
CA ASN A 441 10.18 19.71 -15.97
C ASN A 441 9.68 19.15 -14.65
N GLU A 442 9.16 17.92 -14.67
CA GLU A 442 8.78 17.27 -13.42
C GLU A 442 9.98 17.11 -12.50
N TYR A 443 11.15 16.91 -13.07
CA TYR A 443 12.34 16.58 -12.30
C TYR A 443 13.37 17.71 -12.35
N LEU A 444 12.92 18.88 -12.81
CA LEU A 444 13.82 20.02 -13.04
C LEU A 444 14.65 20.33 -11.81
N GLU A 445 14.00 20.34 -10.66
CA GLU A 445 14.63 20.82 -9.44
C GLU A 445 15.46 19.72 -8.79
N LEU A 446 15.53 18.56 -9.43
CA LEU A 446 16.40 17.49 -8.95
C LEU A 446 17.70 17.44 -9.75
N ASN A 447 18.82 17.25 -9.04
CA ASN A 447 20.07 16.90 -9.69
C ASN A 447 20.88 15.94 -8.83
N TYR A 448 21.24 14.82 -9.44
CA TYR A 448 21.78 13.69 -8.72
C TYR A 448 23.28 13.61 -8.97
N LYS A 449 24.03 13.31 -7.91
CA LYS A 449 25.43 12.95 -8.04
C LYS A 449 25.60 11.44 -7.96
N GLU A 450 26.37 10.87 -8.88
CA GLU A 450 26.46 9.42 -9.03
C GLU A 450 27.24 8.78 -7.88
N ASP A 451 28.04 9.58 -7.18
CA ASP A 451 28.81 9.10 -6.04
C ASP A 451 28.19 9.44 -4.69
N GLU A 452 26.97 9.98 -4.68
CA GLU A 452 26.34 10.41 -3.43
C GLU A 452 24.91 9.89 -3.31
N TYR A 453 24.74 8.58 -3.26
CA TYR A 453 23.41 8.00 -3.04
C TYR A 453 22.66 8.66 -1.89
N PHE A 454 23.29 8.79 -0.72
CA PHE A 454 22.60 9.31 0.47
C PHE A 454 22.07 10.72 0.26
N GLU A 455 22.88 11.59 -0.34
CA GLU A 455 22.44 12.94 -0.63
C GLU A 455 21.28 12.88 -1.60
N ASN A 456 21.31 11.91 -2.51
CA ASN A 456 20.26 11.80 -3.53
C ASN A 456 18.94 11.43 -2.87
N ILE A 457 18.99 10.49 -1.93
CA ILE A 457 17.78 10.05 -1.24
C ILE A 457 17.25 11.16 -0.37
N ILE A 458 18.14 11.89 0.29
CA ILE A 458 17.71 13.00 1.11
C ILE A 458 17.05 14.04 0.21
N GLN A 459 17.73 14.43 -0.86
CA GLN A 459 17.15 15.34 -1.82
C GLN A 459 15.73 14.91 -2.17
N ASN A 460 15.54 13.61 -2.43
CA ASN A 460 14.21 13.16 -2.81
C ASN A 460 13.19 13.37 -1.70
N LEU A 461 13.55 13.05 -0.46
CA LEU A 461 12.65 13.27 0.66
C LEU A 461 12.27 14.76 0.74
N LYS A 462 13.27 15.64 0.68
CA LYS A 462 13.00 17.08 0.74
C LYS A 462 12.08 17.51 -0.40
N PHE A 463 12.35 17.01 -1.59
CA PHE A 463 11.60 17.40 -2.76
C PHE A 463 10.13 17.00 -2.62
N SER A 464 9.89 15.73 -2.31
CA SER A 464 8.55 15.19 -2.35
C SER A 464 7.67 15.84 -1.27
N GLN A 465 8.29 16.23 -0.17
CA GLN A 465 7.55 16.82 0.94
C GLN A 465 7.28 18.31 0.71
N SER A 466 8.28 19.03 0.21
CA SER A 466 8.05 20.40 -0.23
C SER A 466 6.95 20.43 -1.30
N LYS A 467 6.97 19.44 -2.18
CA LYS A 467 5.98 19.31 -3.24
C LYS A 467 4.56 19.13 -2.71
N GLN A 468 4.42 18.31 -1.67
CA GLN A 468 3.11 17.97 -1.14
C GLN A 468 2.56 19.18 -0.39
N LEU A 469 3.44 19.85 0.35
CA LEU A 469 3.00 20.94 1.21
C LEU A 469 2.46 22.11 0.38
N LYS A 470 3.17 22.44 -0.70
CA LYS A 470 2.86 23.63 -1.49
C LYS A 470 1.50 23.48 -2.15
N LYS A 471 0.94 22.28 -2.03
CA LYS A 471 -0.35 22.01 -2.67
C LYS A 471 -1.51 22.61 -1.88
N LEU A 472 -1.24 23.14 -0.69
CA LEU A 472 -2.32 23.54 0.22
C LEU A 472 -3.35 24.44 -0.49
N ARG A 473 -2.86 25.53 -1.06
CA ARG A 473 -3.74 26.56 -1.59
C ARG A 473 -4.07 26.32 -3.05
N GLU A 474 -3.61 25.19 -3.57
CA GLU A 474 -3.80 24.86 -4.98
C GLU A 474 -4.90 23.81 -5.17
N LYS A 475 -5.50 23.80 -6.35
CA LYS A 475 -6.54 22.83 -6.66
C LYS A 475 -5.92 21.46 -6.94
N VAL A 476 -6.72 20.42 -6.74
CA VAL A 476 -6.32 19.07 -7.11
C VAL A 476 -6.28 18.92 -8.64
N ASP A 477 -5.21 18.32 -9.14
CA ASP A 477 -4.99 18.27 -10.58
C ASP A 477 -5.67 17.07 -11.22
N LYS A 478 -6.65 17.32 -12.08
CA LYS A 478 -7.58 16.28 -12.51
C LYS A 478 -6.93 15.36 -13.53
N ASP A 479 -5.77 15.76 -14.03
CA ASP A 479 -5.04 14.97 -15.02
C ASP A 479 -4.23 13.86 -14.37
N GLU A 480 -3.96 14.01 -13.09
CA GLU A 480 -2.84 13.32 -12.46
C GLU A 480 -3.21 11.87 -12.20
N TRP A 481 -2.32 10.95 -12.54
CA TRP A 481 -2.52 9.52 -12.25
C TRP A 481 -2.10 9.20 -10.83
N ILE A 482 -2.76 8.22 -10.21
CA ILE A 482 -2.42 7.83 -8.85
C ILE A 482 -1.42 6.68 -8.80
N SER A 483 -1.01 6.17 -9.96
CA SER A 483 0.06 5.17 -10.05
C SER A 483 0.93 5.38 -11.29
N GLY A 484 2.22 5.13 -11.16
CA GLY A 484 3.06 4.90 -12.32
C GLY A 484 2.63 3.67 -13.12
N ALA A 485 3.12 3.60 -14.36
CA ALA A 485 2.75 2.53 -15.28
C ALA A 485 3.43 1.22 -14.90
N ALA A 486 4.59 1.31 -14.27
CA ALA A 486 5.44 0.16 -14.08
C ALA A 486 5.16 -0.46 -12.73
N VAL A 487 3.91 -0.83 -12.52
CA VAL A 487 3.41 -1.29 -11.23
C VAL A 487 2.49 -2.47 -11.50
N VAL A 488 2.71 -3.56 -10.76
CA VAL A 488 1.83 -4.72 -10.84
C VAL A 488 0.77 -4.61 -9.75
N ASN A 489 -0.24 -3.81 -10.03
CA ASN A 489 -1.34 -3.56 -9.11
C ASN A 489 -2.40 -2.79 -9.88
N ALA A 490 -3.55 -2.58 -9.24
CA ALA A 490 -4.53 -1.65 -9.76
C ALA A 490 -5.08 -0.84 -8.59
N PHE A 491 -5.90 0.15 -8.89
CA PHE A 491 -6.25 1.16 -7.89
C PHE A 491 -7.67 1.70 -8.08
N TYR A 492 -8.27 2.08 -6.97
CA TYR A 492 -9.43 2.97 -6.96
C TYR A 492 -9.15 4.15 -6.05
N SER A 493 -9.55 5.34 -6.50
CA SER A 493 -9.50 6.54 -5.68
C SER A 493 -10.89 7.09 -5.42
N SER A 494 -11.22 7.28 -4.15
CA SER A 494 -12.55 7.78 -3.79
C SER A 494 -12.65 9.29 -3.98
N GLY A 495 -11.59 10.01 -3.64
CA GLY A 495 -11.53 11.44 -3.88
C GLY A 495 -11.64 11.80 -5.35
N ARG A 496 -11.18 10.90 -6.20
CA ARG A 496 -11.11 11.18 -7.62
C ARG A 496 -12.15 10.41 -8.41
N ASN A 497 -12.81 9.47 -7.74
CA ASN A 497 -13.69 8.49 -8.37
C ASN A 497 -13.11 7.91 -9.67
N GLN A 498 -11.95 7.26 -9.54
CA GLN A 498 -11.08 6.92 -10.66
C GLN A 498 -10.61 5.48 -10.47
N ILE A 499 -10.65 4.68 -11.54
CA ILE A 499 -10.03 3.37 -11.52
C ILE A 499 -8.79 3.38 -12.42
N VAL A 500 -7.74 2.72 -11.97
CA VAL A 500 -6.46 2.80 -12.64
C VAL A 500 -5.88 1.41 -12.81
N PHE A 501 -5.47 1.12 -14.04
CA PHE A 501 -4.94 -0.18 -14.41
C PHE A 501 -3.61 0.03 -15.13
N PRO A 502 -2.55 0.19 -14.34
CA PRO A 502 -1.20 0.38 -14.89
C PRO A 502 -0.81 -0.73 -15.85
N ALA A 503 -0.01 -0.38 -16.85
CA ALA A 503 0.49 -1.36 -17.80
C ALA A 503 1.01 -2.60 -17.07
N GLY A 504 1.66 -2.36 -15.93
CA GLY A 504 2.28 -3.45 -15.18
C GLY A 504 1.39 -4.65 -14.90
N ILE A 505 0.09 -4.44 -14.72
CA ILE A 505 -0.82 -5.54 -14.42
C ILE A 505 -1.54 -6.07 -15.67
N LEU A 506 -1.31 -5.46 -16.82
CA LEU A 506 -2.01 -5.89 -18.03
C LEU A 506 -1.19 -6.94 -18.79
N GLN A 507 -1.02 -8.11 -18.18
CA GLN A 507 -0.21 -9.18 -18.76
C GLN A 507 -0.67 -10.48 -18.13
N PRO A 508 -0.31 -11.61 -18.72
CA PRO A 508 -0.71 -12.91 -18.15
C PRO A 508 -0.20 -13.06 -16.72
N PRO A 509 -1.00 -13.67 -15.85
CA PRO A 509 -2.20 -14.41 -16.23
C PRO A 509 -3.47 -13.55 -16.29
N PHE A 510 -3.35 -12.27 -15.92
CA PHE A 510 -4.52 -11.38 -15.90
C PHE A 510 -5.07 -11.14 -17.29
N PHE A 511 -4.19 -10.74 -18.21
CA PHE A 511 -4.65 -10.27 -19.51
C PHE A 511 -3.61 -10.52 -20.59
N SER A 512 -4.11 -11.00 -21.72
CA SER A 512 -3.46 -10.80 -23.00
C SER A 512 -4.51 -10.85 -24.11
N ALA A 513 -4.39 -9.96 -25.08
CA ALA A 513 -5.25 -9.98 -26.26
C ALA A 513 -5.18 -11.34 -26.96
N GLN A 514 -4.13 -12.09 -26.68
CA GLN A 514 -3.89 -13.35 -27.35
C GLN A 514 -4.35 -14.58 -26.54
N GLN A 515 -4.66 -14.38 -25.26
CA GLN A 515 -5.10 -15.51 -24.43
C GLN A 515 -6.63 -15.62 -24.44
N SER A 516 -7.14 -16.80 -24.07
CA SER A 516 -8.58 -17.03 -24.12
C SER A 516 -9.37 -15.99 -23.29
N ASN A 517 -10.56 -15.64 -23.79
CA ASN A 517 -11.46 -14.73 -23.09
C ASN A 517 -11.77 -15.17 -21.66
N SER A 518 -11.98 -16.47 -21.46
CA SER A 518 -12.29 -16.99 -20.13
C SER A 518 -11.21 -16.61 -19.13
N LEU A 519 -9.96 -16.76 -19.56
CA LEU A 519 -8.81 -16.33 -18.77
C LEU A 519 -8.82 -14.82 -18.54
N ASN A 520 -9.10 -14.03 -19.59
CA ASN A 520 -9.07 -12.56 -19.45
C ASN A 520 -10.13 -12.08 -18.42
N TYR A 521 -11.34 -12.59 -18.51
CA TYR A 521 -12.43 -12.16 -17.63
C TYR A 521 -12.20 -12.60 -16.18
N GLY A 522 -11.73 -13.83 -15.98
CA GLY A 522 -11.50 -14.35 -14.64
C GLY A 522 -10.26 -13.77 -13.99
N GLY A 523 -9.46 -13.07 -14.80
CA GLY A 523 -8.27 -12.39 -14.33
C GLY A 523 -8.46 -10.88 -14.25
N ILE A 524 -8.10 -10.19 -15.32
CA ILE A 524 -8.22 -8.73 -15.36
C ILE A 524 -9.67 -8.30 -15.25
N GLY A 525 -10.57 -9.09 -15.80
CA GLY A 525 -11.98 -8.77 -15.64
C GLY A 525 -12.35 -8.69 -14.17
N MET A 526 -11.95 -9.70 -13.40
CA MET A 526 -12.16 -9.71 -11.97
C MET A 526 -11.49 -8.50 -11.33
N VAL A 527 -10.29 -8.13 -11.78
CA VAL A 527 -9.60 -6.97 -11.19
C VAL A 527 -10.38 -5.67 -11.48
N ILE A 528 -10.87 -5.50 -12.70
CA ILE A 528 -11.67 -4.33 -13.03
C ILE A 528 -12.91 -4.17 -12.13
N GLY A 529 -13.65 -5.26 -11.94
CA GLY A 529 -14.84 -5.24 -11.10
C GLY A 529 -14.49 -4.98 -9.65
N HIS A 530 -13.37 -5.56 -9.21
CA HIS A 530 -12.82 -5.27 -7.88
C HIS A 530 -12.63 -3.78 -7.65
N GLU A 531 -11.92 -3.09 -8.56
CA GLU A 531 -11.69 -1.65 -8.41
C GLU A 531 -12.99 -0.83 -8.47
N ILE A 532 -13.85 -1.16 -9.43
CA ILE A 532 -15.16 -0.51 -9.50
C ILE A 532 -15.91 -0.65 -8.18
N THR A 533 -15.94 -1.85 -7.65
CA THR A 533 -16.73 -2.16 -6.47
C THR A 533 -16.17 -1.42 -5.24
N HIS A 534 -14.91 -1.00 -5.31
CA HIS A 534 -14.34 -0.19 -4.24
C HIS A 534 -15.07 1.15 -4.10
N GLY A 535 -15.67 1.62 -5.18
CA GLY A 535 -16.41 2.87 -5.14
C GLY A 535 -17.67 2.69 -4.33
N PHE A 536 -17.91 1.45 -3.91
CA PHE A 536 -19.19 1.07 -3.31
C PHE A 536 -19.00 0.14 -2.11
N ASP A 537 -17.79 0.10 -1.56
CA ASP A 537 -17.55 -0.72 -0.37
C ASP A 537 -17.76 0.14 0.86
N ASP A 538 -17.43 -0.39 2.03
CA ASP A 538 -17.86 0.25 3.25
C ASP A 538 -17.19 1.61 3.43
N ASN A 539 -16.11 1.86 2.69
CA ASN A 539 -15.50 3.19 2.61
C ASN A 539 -16.06 4.02 1.46
N GLY A 540 -15.88 3.53 0.23
CA GLY A 540 -16.08 4.34 -0.96
C GLY A 540 -17.53 4.47 -1.39
N ARG A 541 -18.45 3.98 -0.56
CA ARG A 541 -19.88 4.23 -0.76
C ARG A 541 -20.27 5.56 -0.12
N ASN A 542 -19.44 6.00 0.81
CA ASN A 542 -19.63 7.29 1.46
C ASN A 542 -19.23 8.49 0.58
N PHE A 543 -18.62 8.21 -0.56
CA PHE A 543 -18.21 9.28 -1.44
C PHE A 543 -19.07 9.30 -2.70
N ASN A 544 -19.33 10.48 -3.23
CA ASN A 544 -20.30 10.61 -4.31
C ASN A 544 -19.61 10.65 -5.66
N LYS A 545 -20.36 10.98 -6.70
CA LYS A 545 -19.90 10.81 -8.08
C LYS A 545 -18.69 11.67 -8.33
N ASP A 546 -18.52 12.71 -7.52
CA ASP A 546 -17.46 13.67 -7.77
C ASP A 546 -16.34 13.52 -6.75
N GLY A 547 -16.42 12.49 -5.90
CA GLY A 547 -15.37 12.21 -4.94
C GLY A 547 -15.53 12.97 -3.63
N ASP A 548 -16.68 13.57 -3.41
CA ASP A 548 -16.95 14.25 -2.14
C ASP A 548 -17.62 13.31 -1.13
N LEU A 549 -17.22 13.46 0.12
CA LEU A 549 -17.80 12.69 1.20
C LEU A 549 -19.16 13.27 1.56
N VAL A 550 -20.20 12.65 1.01
CA VAL A 550 -21.56 13.09 1.28
C VAL A 550 -22.52 11.91 1.14
N ASP A 551 -23.47 11.84 2.07
CA ASP A 551 -24.35 10.70 2.20
C ASP A 551 -25.38 10.69 1.08
N TRP A 552 -25.26 9.76 0.13
CA TRP A 552 -26.28 9.66 -0.90
C TRP A 552 -27.14 8.42 -0.72
N TRP A 553 -27.13 7.90 0.51
CA TRP A 553 -27.88 6.70 0.84
C TRP A 553 -29.11 7.07 1.68
N THR A 554 -30.20 6.36 1.46
CA THR A 554 -31.30 6.37 2.42
C THR A 554 -30.92 5.59 3.67
N GLN A 555 -31.52 5.99 4.79
CA GLN A 555 -31.44 5.21 6.03
C GLN A 555 -31.57 3.72 5.79
N GLN A 556 -32.65 3.30 5.12
CA GLN A 556 -32.91 1.88 5.00
C GLN A 556 -31.81 1.17 4.20
N SER A 557 -31.44 1.77 3.08
CA SER A 557 -30.50 1.13 2.16
C SER A 557 -29.11 1.06 2.78
N ALA A 558 -28.78 2.08 3.59
CA ALA A 558 -27.52 2.11 4.31
C ALA A 558 -27.48 1.07 5.42
N SER A 559 -28.60 0.91 6.14
CA SER A 559 -28.69 -0.15 7.13
C SER A 559 -28.66 -1.50 6.47
N ASN A 560 -29.25 -1.61 5.28
CA ASN A 560 -29.25 -2.89 4.58
C ASN A 560 -27.85 -3.27 4.09
N PHE A 561 -27.09 -2.28 3.67
CA PHE A 561 -25.70 -2.50 3.24
C PHE A 561 -24.91 -3.12 4.38
N LYS A 562 -25.03 -2.53 5.56
CA LYS A 562 -24.37 -3.05 6.73
C LYS A 562 -24.76 -4.50 6.96
N GLU A 563 -26.07 -4.78 6.91
CA GLU A 563 -26.53 -6.14 7.08
C GLU A 563 -25.92 -7.10 6.07
N GLN A 564 -25.97 -6.75 4.79
CA GLN A 564 -25.47 -7.65 3.76
C GLN A 564 -23.98 -7.89 4.02
N SER A 565 -23.27 -6.85 4.42
CA SER A 565 -21.82 -6.92 4.50
C SER A 565 -21.39 -7.63 5.76
N GLN A 566 -22.22 -7.54 6.80
CA GLN A 566 -21.96 -8.26 8.03
C GLN A 566 -21.76 -9.76 7.78
N CYS A 567 -22.45 -10.33 6.80
CA CYS A 567 -22.24 -11.73 6.47
C CYS A 567 -20.76 -12.00 6.14
N MET A 568 -20.12 -11.06 5.47
CA MET A 568 -18.72 -11.26 5.06
C MET A 568 -17.76 -11.03 6.22
N VAL A 569 -18.11 -10.13 7.12
CA VAL A 569 -17.35 -9.92 8.34
C VAL A 569 -17.24 -11.23 9.11
N TYR A 570 -18.37 -11.91 9.28
CA TYR A 570 -18.42 -13.21 9.95
C TYR A 570 -17.74 -14.35 9.18
N GLN A 571 -17.97 -14.44 7.87
CA GLN A 571 -17.38 -15.51 7.06
C GLN A 571 -15.85 -15.49 7.12
N TYR A 572 -15.28 -14.31 6.91
CA TYR A 572 -13.83 -14.20 6.80
C TYR A 572 -13.18 -14.17 8.18
N GLY A 573 -13.85 -13.53 9.13
CA GLY A 573 -13.46 -13.56 10.53
C GLY A 573 -13.34 -14.97 11.08
N ASN A 574 -14.09 -15.89 10.47
CA ASN A 574 -14.07 -17.28 10.90
C ASN A 574 -12.99 -18.10 10.21
N PHE A 575 -12.29 -17.50 9.26
CA PHE A 575 -11.13 -18.19 8.70
C PHE A 575 -9.95 -18.12 9.67
N SER A 576 -9.36 -19.25 10.00
CA SER A 576 -8.12 -19.24 10.77
C SER A 576 -6.94 -19.65 9.91
N TRP A 577 -5.81 -19.03 10.20
CA TRP A 577 -4.68 -19.01 9.28
C TRP A 577 -3.49 -19.69 9.94
N ASP A 578 -3.18 -20.90 9.48
CA ASP A 578 -2.15 -21.69 10.10
C ASP A 578 -0.84 -20.90 10.17
N LEU A 579 -0.50 -20.19 9.09
CA LEU A 579 0.83 -19.58 9.01
C LEU A 579 0.96 -18.44 10.01
N ALA A 580 -0.18 -17.88 10.40
CA ALA A 580 -0.21 -16.85 11.42
C ALA A 580 -0.55 -17.44 12.78
N GLY A 581 -0.22 -18.71 12.98
CA GLY A 581 -0.31 -19.33 14.29
C GLY A 581 -1.72 -19.74 14.68
N GLY A 582 -2.59 -19.89 13.68
CA GLY A 582 -3.97 -20.22 13.92
C GLY A 582 -4.91 -19.05 14.18
N GLN A 583 -4.37 -17.83 14.21
CA GLN A 583 -5.21 -16.65 14.36
C GLN A 583 -6.27 -16.56 13.25
N HIS A 584 -7.43 -15.99 13.61
CA HIS A 584 -8.50 -15.68 12.69
C HIS A 584 -8.17 -14.39 11.96
N LEU A 585 -8.57 -14.31 10.70
CA LEU A 585 -8.51 -13.05 9.98
C LEU A 585 -9.33 -12.00 10.70
N ASN A 586 -8.99 -10.73 10.49
CA ASN A 586 -9.87 -9.64 10.90
C ASN A 586 -10.92 -9.32 9.85
N GLY A 587 -12.15 -9.73 10.13
CA GLY A 587 -13.22 -9.66 9.16
C GLY A 587 -13.71 -8.24 8.95
N ILE A 588 -13.44 -7.38 9.92
CA ILE A 588 -13.72 -5.96 9.78
C ILE A 588 -12.67 -5.21 8.96
N ASN A 589 -11.40 -5.42 9.28
CA ASN A 589 -10.32 -4.75 8.58
C ASN A 589 -10.18 -5.20 7.13
N THR A 590 -10.63 -6.42 6.81
CA THR A 590 -10.55 -6.90 5.44
C THR A 590 -11.85 -6.69 4.69
N LEU A 591 -12.82 -6.06 5.33
CA LEU A 591 -14.18 -6.06 4.80
C LEU A 591 -14.24 -5.45 3.41
N GLY A 592 -13.64 -4.27 3.27
CA GLY A 592 -13.71 -3.53 2.02
C GLY A 592 -13.14 -4.34 0.87
N GLU A 593 -11.99 -4.94 1.11
CA GLU A 593 -11.35 -5.79 0.08
C GLU A 593 -12.20 -7.01 -0.24
N ASN A 594 -12.82 -7.59 0.78
CA ASN A 594 -13.64 -8.78 0.58
C ASN A 594 -14.91 -8.47 -0.20
N ILE A 595 -15.49 -7.30 0.06
CA ILE A 595 -16.63 -6.81 -0.71
C ILE A 595 -16.26 -6.62 -2.18
N ALA A 596 -15.13 -5.97 -2.42
CA ALA A 596 -14.63 -5.77 -3.78
C ALA A 596 -14.38 -7.09 -4.49
N ASP A 597 -13.82 -8.07 -3.78
CA ASP A 597 -13.50 -9.36 -4.38
C ASP A 597 -14.78 -10.10 -4.80
N ASN A 598 -15.73 -10.18 -3.87
CA ASN A 598 -16.97 -10.93 -4.12
C ASN A 598 -17.83 -10.28 -5.20
N GLY A 599 -17.99 -8.97 -5.12
CA GLY A 599 -18.62 -8.21 -6.20
C GLY A 599 -17.92 -8.36 -7.54
N GLY A 600 -16.62 -8.14 -7.54
CA GLY A 600 -15.86 -8.17 -8.77
C GLY A 600 -15.93 -9.51 -9.46
N LEU A 601 -15.89 -10.59 -8.68
CA LEU A 601 -15.97 -11.92 -9.25
C LEU A 601 -17.31 -12.09 -9.98
N GLY A 602 -18.40 -11.72 -9.32
CA GLY A 602 -19.72 -11.87 -9.92
C GLY A 602 -19.85 -11.04 -11.19
N GLN A 603 -19.39 -9.80 -11.12
CA GLN A 603 -19.41 -8.91 -12.27
C GLN A 603 -18.66 -9.49 -13.47
N ALA A 604 -17.43 -9.96 -13.24
CA ALA A 604 -16.61 -10.49 -14.32
C ALA A 604 -17.27 -11.71 -14.98
N TYR A 605 -17.76 -12.61 -14.16
CA TYR A 605 -18.36 -13.84 -14.68
C TYR A 605 -19.60 -13.54 -15.52
N ARG A 606 -20.43 -12.64 -15.01
CA ARG A 606 -21.58 -12.16 -15.77
C ARG A 606 -21.13 -11.61 -17.11
N ALA A 607 -20.09 -10.78 -17.10
CA ALA A 607 -19.59 -10.18 -18.32
C ALA A 607 -19.09 -11.23 -19.29
N TYR A 608 -18.51 -12.31 -18.76
CA TYR A 608 -18.07 -13.40 -19.62
C TYR A 608 -19.29 -14.12 -20.20
N GLN A 609 -20.26 -14.44 -19.36
CA GLN A 609 -21.49 -15.06 -19.82
C GLN A 609 -22.07 -14.26 -20.97
N ASN A 610 -22.08 -12.95 -20.83
CA ASN A 610 -22.58 -12.09 -21.88
C ASN A 610 -21.72 -12.19 -23.14
N TYR A 611 -20.40 -12.19 -22.97
CA TYR A 611 -19.49 -12.42 -24.09
C TYR A 611 -19.89 -13.68 -24.86
N ILE A 612 -20.10 -14.77 -24.14
CA ILE A 612 -20.41 -16.04 -24.78
C ILE A 612 -21.74 -15.96 -25.53
N LYS A 613 -22.77 -15.45 -24.85
CA LYS A 613 -24.03 -15.13 -25.50
C LYS A 613 -23.81 -14.50 -26.87
N LYS A 614 -23.07 -13.40 -26.90
CA LYS A 614 -22.93 -12.60 -28.11
C LYS A 614 -22.04 -13.28 -29.15
N ASN A 615 -20.99 -13.96 -28.71
CA ASN A 615 -19.89 -14.30 -29.60
C ASN A 615 -19.75 -15.81 -29.85
N GLY A 616 -20.46 -16.60 -29.06
CA GLY A 616 -20.28 -18.05 -29.10
C GLY A 616 -19.17 -18.51 -28.18
N GLU A 617 -19.11 -19.82 -27.96
CA GLU A 617 -18.16 -20.38 -27.02
C GLU A 617 -16.76 -20.47 -27.63
N GLU A 618 -15.74 -20.52 -26.78
CA GLU A 618 -14.36 -20.52 -27.24
C GLU A 618 -13.86 -21.93 -27.45
N LYS A 619 -12.92 -22.10 -28.37
CA LYS A 619 -12.22 -23.36 -28.51
C LYS A 619 -11.54 -23.71 -27.20
N LEU A 620 -11.58 -25.00 -26.86
CA LEU A 620 -11.03 -25.49 -25.61
C LEU A 620 -9.50 -25.45 -25.61
N LEU A 621 -8.91 -25.51 -24.42
CA LEU A 621 -7.46 -25.63 -24.30
C LEU A 621 -7.05 -27.09 -24.26
N PRO A 622 -5.96 -27.39 -24.94
CA PRO A 622 -5.41 -28.75 -24.97
C PRO A 622 -4.79 -29.14 -23.64
N GLY A 623 -4.92 -30.41 -23.28
CA GLY A 623 -4.26 -30.95 -22.10
C GLY A 623 -5.12 -30.78 -20.86
N LEU A 624 -6.23 -30.08 -21.01
CA LEU A 624 -7.11 -29.76 -19.89
C LEU A 624 -8.54 -30.21 -20.17
N ASP A 625 -9.00 -31.19 -19.39
CA ASP A 625 -10.36 -31.67 -19.47
C ASP A 625 -11.27 -30.76 -18.68
N LEU A 626 -11.25 -29.49 -19.05
CA LEU A 626 -12.09 -28.47 -18.46
C LEU A 626 -12.74 -27.67 -19.56
N ASN A 627 -13.96 -27.20 -19.32
CA ASN A 627 -14.56 -26.21 -20.20
C ASN A 627 -14.22 -24.79 -19.76
N HIS A 628 -14.76 -23.80 -20.46
CA HIS A 628 -14.24 -22.45 -20.31
C HIS A 628 -14.80 -21.74 -19.08
N LYS A 629 -16.02 -22.09 -18.68
CA LYS A 629 -16.52 -21.70 -17.36
C LYS A 629 -15.59 -22.19 -16.26
N GLN A 630 -15.17 -23.45 -16.35
CA GLN A 630 -14.25 -24.01 -15.38
C GLN A 630 -12.90 -23.26 -15.44
N LEU A 631 -12.44 -22.96 -16.65
CA LEU A 631 -11.14 -22.30 -16.85
C LEU A 631 -11.13 -20.88 -16.29
N PHE A 632 -12.27 -20.20 -16.43
CA PHE A 632 -12.46 -18.88 -15.84
C PHE A 632 -12.10 -18.95 -14.36
N PHE A 633 -12.63 -19.96 -13.66
CA PHE A 633 -12.42 -20.04 -12.20
C PHE A 633 -11.01 -20.52 -11.87
N LEU A 634 -10.50 -21.46 -12.67
CA LEU A 634 -9.13 -21.91 -12.52
C LEU A 634 -8.17 -20.72 -12.59
N ASN A 635 -8.32 -19.87 -13.60
CA ASN A 635 -7.35 -18.79 -13.81
C ASN A 635 -7.47 -17.76 -12.68
N PHE A 636 -8.71 -17.44 -12.37
CA PHE A 636 -9.04 -16.63 -11.20
C PHE A 636 -8.23 -17.11 -9.99
N ALA A 637 -8.34 -18.39 -9.67
CA ALA A 637 -7.69 -18.92 -8.47
C ALA A 637 -6.17 -18.84 -8.52
N GLN A 638 -5.60 -19.09 -9.69
CA GLN A 638 -4.16 -19.27 -9.82
C GLN A 638 -3.45 -17.93 -9.73
N VAL A 639 -4.18 -16.83 -9.90
CA VAL A 639 -3.62 -15.54 -9.56
C VAL A 639 -2.97 -15.61 -8.18
N TRP A 640 -3.54 -16.40 -7.27
CA TRP A 640 -3.09 -16.37 -5.88
C TRP A 640 -2.41 -17.67 -5.42
N CYS A 641 -1.97 -18.51 -6.36
CA CYS A 641 -1.06 -19.59 -5.96
C CYS A 641 0.13 -18.92 -5.29
N GLY A 642 0.42 -19.32 -4.06
CA GLY A 642 1.47 -18.68 -3.29
C GLY A 642 1.43 -19.03 -1.81
N THR A 643 2.39 -18.51 -1.07
CA THR A 643 2.48 -18.81 0.35
C THR A 643 3.22 -17.69 1.08
N TYR A 644 3.21 -17.74 2.42
CA TYR A 644 3.80 -16.70 3.27
C TYR A 644 4.78 -17.33 4.27
N ARG A 645 5.85 -16.61 4.60
CA ARG A 645 6.58 -16.89 5.83
C ARG A 645 5.70 -16.61 7.05
N PRO A 646 5.81 -17.49 8.05
CA PRO A 646 5.07 -17.34 9.31
C PRO A 646 5.21 -15.97 9.93
N GLU A 647 6.43 -15.44 9.92
CA GLU A 647 6.68 -14.14 10.52
C GLU A 647 5.87 -13.09 9.78
N TYR A 648 5.83 -13.17 8.47
CA TYR A 648 5.11 -12.19 7.67
C TYR A 648 3.60 -12.39 7.78
N ALA A 649 3.16 -13.62 7.98
CA ALA A 649 1.74 -13.89 8.12
C ALA A 649 1.24 -13.16 9.38
N VAL A 650 2.02 -13.23 10.46
CA VAL A 650 1.74 -12.50 11.70
C VAL A 650 1.65 -10.99 11.47
N ASN A 651 2.51 -10.48 10.59
CA ASN A 651 2.50 -9.07 10.17
C ASN A 651 1.23 -8.73 9.38
N SER A 652 0.98 -9.45 8.29
CA SER A 652 -0.05 -9.02 7.35
C SER A 652 -1.48 -9.30 7.81
N ILE A 653 -1.66 -10.27 8.71
CA ILE A 653 -2.96 -10.49 9.31
C ILE A 653 -3.41 -9.23 10.03
N LYS A 654 -2.45 -8.46 10.49
CA LYS A 654 -2.72 -7.16 11.10
C LYS A 654 -2.68 -5.98 10.11
N THR A 655 -1.74 -5.99 9.17
CA THR A 655 -1.41 -4.76 8.44
C THR A 655 -1.96 -4.74 7.01
N ASP A 656 -2.34 -5.90 6.49
CA ASP A 656 -2.87 -5.95 5.14
C ASP A 656 -4.38 -5.92 5.19
N VAL A 657 -4.99 -5.00 4.46
CA VAL A 657 -6.43 -4.87 4.45
C VAL A 657 -7.06 -5.87 3.48
N HIS A 658 -6.21 -6.56 2.73
CA HIS A 658 -6.65 -7.70 1.93
C HIS A 658 -6.64 -8.96 2.75
N SER A 659 -7.55 -9.87 2.46
CA SER A 659 -7.37 -11.24 2.91
C SER A 659 -6.15 -11.83 2.21
N PRO A 660 -5.48 -12.77 2.86
CA PRO A 660 -4.45 -13.59 2.19
C PRO A 660 -5.03 -14.35 1.00
N GLY A 661 -4.19 -14.56 -0.02
CA GLY A 661 -4.68 -15.00 -1.31
C GLY A 661 -5.52 -16.27 -1.25
N ASN A 662 -5.10 -17.24 -0.46
CA ASN A 662 -5.86 -18.48 -0.39
C ASN A 662 -7.31 -18.25 0.09
N PHE A 663 -7.51 -17.34 1.02
CA PHE A 663 -8.85 -17.02 1.50
C PHE A 663 -9.66 -16.09 0.57
N ARG A 664 -8.98 -15.21 -0.17
CA ARG A 664 -9.64 -14.48 -1.23
C ARG A 664 -10.31 -15.50 -2.15
N ILE A 665 -9.57 -16.56 -2.50
CA ILE A 665 -10.11 -17.59 -3.36
C ILE A 665 -11.28 -18.35 -2.69
N ILE A 666 -11.02 -18.95 -1.53
CA ILE A 666 -12.04 -19.75 -0.84
C ILE A 666 -13.26 -18.89 -0.48
N GLY A 667 -13.01 -17.73 0.11
CA GLY A 667 -14.07 -16.79 0.42
C GLY A 667 -15.03 -16.58 -0.74
N THR A 668 -14.49 -16.15 -1.88
CA THR A 668 -15.34 -15.60 -2.93
C THR A 668 -16.09 -16.72 -3.62
N LEU A 669 -15.41 -17.84 -3.82
CA LEU A 669 -16.03 -18.96 -4.50
C LEU A 669 -17.06 -19.63 -3.58
N GLN A 670 -16.77 -19.70 -2.29
CA GLN A 670 -17.78 -20.17 -1.33
C GLN A 670 -19.11 -19.45 -1.57
N ASN A 671 -19.02 -18.20 -2.03
CA ASN A 671 -20.17 -17.32 -2.14
C ASN A 671 -20.77 -17.32 -3.54
N SER A 672 -20.18 -18.09 -4.45
CA SER A 672 -20.57 -18.07 -5.86
C SER A 672 -21.37 -19.32 -6.25
N ALA A 673 -22.67 -19.18 -6.43
CA ALA A 673 -23.48 -20.25 -6.99
C ALA A 673 -22.89 -20.70 -8.32
N GLU A 674 -22.37 -19.74 -9.08
CA GLU A 674 -21.83 -20.03 -10.41
C GLU A 674 -20.65 -20.98 -10.32
N PHE A 675 -19.77 -20.78 -9.34
CA PHE A 675 -18.64 -21.68 -9.18
C PHE A 675 -19.13 -23.11 -8.99
N SER A 676 -20.15 -23.26 -8.15
CA SER A 676 -20.55 -24.57 -7.66
C SER A 676 -21.33 -25.26 -8.78
N GLU A 677 -22.00 -24.46 -9.61
CA GLU A 677 -22.58 -24.97 -10.84
C GLU A 677 -21.48 -25.52 -11.76
N ALA A 678 -20.36 -24.83 -11.84
CA ALA A 678 -19.36 -25.17 -12.84
C ALA A 678 -18.64 -26.46 -12.50
N PHE A 679 -18.48 -26.74 -11.20
CA PHE A 679 -17.76 -27.94 -10.76
C PHE A 679 -18.67 -28.95 -10.07
N HIS A 680 -19.97 -28.77 -10.24
CA HIS A 680 -20.96 -29.76 -9.80
C HIS A 680 -20.77 -30.10 -8.32
N CYS A 681 -20.65 -29.08 -7.50
CA CYS A 681 -20.37 -29.27 -6.09
C CYS A 681 -21.66 -29.60 -5.32
N ARG A 682 -21.60 -30.64 -4.51
CA ARG A 682 -22.70 -30.99 -3.60
C ARG A 682 -23.04 -29.82 -2.67
N LYS A 683 -24.32 -29.69 -2.34
CA LYS A 683 -24.75 -28.82 -1.26
C LYS A 683 -23.93 -29.08 0.00
N ASN A 684 -23.38 -28.00 0.56
CA ASN A 684 -22.66 -28.08 1.83
C ASN A 684 -21.35 -28.86 1.74
N SER A 685 -20.90 -29.14 0.53
CA SER A 685 -19.46 -29.30 0.29
C SER A 685 -18.74 -28.08 0.85
N TYR A 686 -17.45 -28.24 1.15
CA TYR A 686 -16.70 -27.14 1.72
C TYR A 686 -16.76 -25.89 0.83
N MET A 687 -16.67 -26.06 -0.48
CA MET A 687 -16.63 -24.92 -1.39
C MET A 687 -18.01 -24.34 -1.66
N ASN A 688 -19.04 -25.02 -1.16
CA ASN A 688 -20.43 -24.73 -1.51
C ASN A 688 -21.37 -24.70 -0.30
N PRO A 689 -21.09 -23.83 0.67
CA PRO A 689 -21.98 -23.68 1.83
C PRO A 689 -23.36 -23.21 1.40
N GLU A 690 -24.37 -23.66 2.12
CA GLU A 690 -25.73 -23.26 1.84
C GLU A 690 -25.90 -21.76 2.03
N LYS A 691 -25.38 -21.24 3.13
CA LYS A 691 -25.43 -19.81 3.37
C LYS A 691 -24.30 -19.11 2.62
N LYS A 692 -24.68 -18.17 1.77
CA LYS A 692 -23.73 -17.44 0.96
C LYS A 692 -23.98 -15.96 1.17
N CYS A 693 -22.87 -15.21 1.27
CA CYS A 693 -22.93 -13.76 1.42
C CYS A 693 -23.02 -13.07 0.07
N ARG A 694 -23.73 -11.96 0.02
CA ARG A 694 -23.81 -11.18 -1.19
C ARG A 694 -24.01 -9.73 -0.82
N VAL A 695 -23.21 -8.84 -1.39
CA VAL A 695 -23.55 -7.43 -1.35
C VAL A 695 -23.77 -6.90 -2.76
N TRP A 696 -22.69 -6.65 -3.52
CA TRP A 696 -22.84 -6.35 -4.95
C TRP A 696 -22.81 -7.57 -5.85
C1 NAG B . 31.58 3.80 -7.75
C2 NAG B . 32.14 3.67 -9.17
C3 NAG B . 33.65 3.92 -9.17
C4 NAG B . 33.95 5.26 -8.51
C5 NAG B . 33.22 5.35 -7.16
C6 NAG B . 33.43 6.71 -6.53
C7 NAG B . 31.17 2.15 -10.80
C8 NAG B . 31.40 0.83 -11.46
N2 NAG B . 31.86 2.36 -9.68
O3 NAG B . 34.17 3.93 -10.47
O4 NAG B . 35.34 5.42 -8.34
O5 NAG B . 31.84 5.12 -7.35
O6 NAG B . 34.80 6.88 -6.29
O7 NAG B . 30.38 2.97 -11.29
C1 NAG C . 7.49 29.23 16.65
C2 NAG C . 8.14 30.37 15.86
C3 NAG C . 9.59 30.64 16.29
C4 NAG C . 9.66 30.70 17.81
C5 NAG C . 9.02 29.45 18.38
C6 NAG C . 9.16 29.39 19.89
C7 NAG C . 7.17 30.50 13.68
C8 NAG C . 7.11 29.92 12.29
N2 NAG C . 8.12 30.04 14.47
O3 NAG C . 10.04 31.85 15.74
O4 NAG C . 11.02 30.80 18.20
O5 NAG C . 7.66 29.45 18.03
O6 NAG C . 10.50 29.67 20.22
O7 NAG C . 6.36 31.35 14.04
C1 NAG D . -17.98 -16.98 13.02
C2 NAG D . -17.90 -15.65 13.74
C3 NAG D . -18.99 -15.56 14.78
C4 NAG D . -20.33 -15.79 14.10
C5 NAG D . -20.30 -17.09 13.31
C6 NAG D . -21.61 -17.28 12.55
C7 NAG D . -15.81 -14.46 13.89
C8 NAG D . -14.59 -14.17 14.69
N2 NAG D . -16.59 -15.44 14.32
O3 NAG D . -18.98 -14.29 15.40
O4 NAG D . -21.34 -15.86 15.08
O5 NAG D . -19.24 -17.08 12.38
O6 NAG D . -22.01 -16.05 12.02
O7 NAG D . -16.06 -13.83 12.86
ZN ZN E . -8.82 -3.79 -3.35
C3 BIR F . -5.74 -0.92 -2.67
C2 BIR F . -5.16 -1.69 -3.85
N1 BIR F . -4.47 -0.77 -4.75
P4 BIR F . -6.42 -2.58 -4.64
O6 BIR F . -6.91 -3.51 -3.58
O5 BIR F . -7.43 -1.64 -5.23
C7 BIR F . -5.70 -3.51 -5.91
C8 BIR F . -6.11 -4.99 -5.93
C10 BIR F . -5.34 -5.79 -4.91
O23 BIR F . -5.84 -6.72 -4.31
N24 BIR F . -4.08 -5.42 -4.67
C25 BIR F . -3.30 -6.24 -3.74
C26 BIR F . -2.46 -7.24 -4.52
C27 BIR F . -2.41 -5.39 -2.91
O28 BIR F . -2.34 -4.18 -3.12
O29 BIR F . -1.79 -5.92 -2.00
C9 BIR F . -5.87 -5.56 -7.34
C11 BIR F . -6.35 -6.98 -7.45
C12 BIR F . -5.47 -7.99 -7.81
C13 BIR F . -5.90 -9.31 -7.90
C14 BIR F . -7.24 -9.64 -7.61
C15 BIR F . -8.12 -8.61 -7.25
C16 BIR F . -7.68 -7.29 -7.17
C17 BIR F . -7.70 -11.02 -7.69
C18 BIR F . -8.50 -11.56 -6.67
C19 BIR F . -8.93 -12.88 -6.72
C20 BIR F . -8.58 -13.69 -7.80
C21 BIR F . -7.78 -13.17 -8.82
C22 BIR F . -7.35 -11.85 -8.76
#